data_4Z81
#
_entry.id   4Z81
#
_cell.length_a   39.220
_cell.length_b   202.590
_cell.length_c   72.800
_cell.angle_alpha   90.000
_cell.angle_beta   100.850
_cell.angle_gamma   90.000
#
_symmetry.space_group_name_H-M   'P 1 21 1'
#
loop_
_entity.id
_entity.type
_entity.pdbx_description
1 polymer 'EGF family domain-containing protein'
2 non-polymer GLYCEROL
3 water water
#
_entity_poly.entity_id   1
_entity_poly.type   'polypeptide(L)'
_entity_poly.pdbx_seq_one_letter_code
;GSAMGSSTSTSRATYMDRFNIPKNHVDLIWDKDGTKSHTRGNTTYRWTERKSNVGVYVGYSEMYDSSAQAYCQSSSAKID
TKTTVGAPYMAAGACPNYGKVIAFTKRDGSRSDMTRWKNEIHANVMPHSTTSCASRADPGAAEVAKSIEGFAMYAGYLTH
CPYNVNVYRQDMVTDKEFDSTVCNFVTESNPLRFLDTTQRQSTQPYTEYAFHGKGGHKGYDYKGQTSHVGCPPYNPPHVT
KGMKDSSWITGPFECSILSRCTTHCWPYKSGGNCFRSLPAMFDMSTGECRLLGYHTQDFRSSTCAELTTDDTNAFYCVRP
MKTAASSNMVYVTSHTRPDHETKCPPREPLKNVRWGVVSKGKYCKPMNARASLSNATAEQCGQRLFMLSSADGSSLSSQV
RGYHWATFVATDCNMGESCAATARGKCFFYSTVPECLIHSPTTMAFTSLSAVDPSIAIDPDSIAVLPEDKCVSVDCGAHG
TCDVATGKCVCEPGFTGERCDAAALVPR
;
_entity_poly.pdbx_strand_id   A,B
#
# COMPACT_ATOMS: atom_id res chain seq x y z
N MET A 4 -1.83 11.78 -17.77
CA MET A 4 -2.39 12.60 -18.83
C MET A 4 -2.20 11.95 -20.21
N GLY A 5 -3.30 11.85 -20.95
CA GLY A 5 -3.25 11.41 -22.34
C GLY A 5 -2.96 9.93 -22.51
N SER A 6 -2.28 9.59 -23.61
CA SER A 6 -2.06 8.21 -24.00
C SER A 6 -1.09 7.47 -23.06
N SER A 7 -0.31 8.22 -22.30
CA SER A 7 0.64 7.60 -21.39
C SER A 7 -0.08 6.89 -20.25
N THR A 8 -1.28 7.35 -19.92
CA THR A 8 -2.05 6.70 -18.85
C THR A 8 -2.49 5.30 -19.27
N SER A 9 -2.89 5.15 -20.52
CA SER A 9 -3.29 3.84 -21.03
C SER A 9 -2.08 2.90 -21.07
N THR A 10 -0.94 3.45 -21.44
CA THR A 10 0.32 2.69 -21.45
C THR A 10 0.73 2.28 -20.04
N SER A 11 0.60 3.21 -19.08
CA SER A 11 0.96 2.92 -17.70
C SER A 11 0.02 1.87 -17.10
N ARG A 12 -1.25 1.97 -17.44
CA ARG A 12 -2.24 1.01 -16.95
C ARG A 12 -1.95 -0.39 -17.49
N ALA A 13 -1.61 -0.47 -18.77
CA ALA A 13 -1.30 -1.74 -19.42
C ALA A 13 -0.04 -2.38 -18.81
N THR A 14 0.96 -1.55 -18.52
CA THR A 14 2.19 -2.03 -17.92
C THR A 14 1.92 -2.62 -16.54
N TYR A 15 1.06 -1.97 -15.77
CA TYR A 15 0.68 -2.51 -14.46
C TYR A 15 -0.09 -3.82 -14.61
N MET A 16 -1.08 -3.82 -15.49
CA MET A 16 -1.95 -4.97 -15.65
C MET A 16 -1.23 -6.18 -16.26
N ASP A 17 -0.04 -5.94 -16.82
CA ASP A 17 0.77 -7.00 -17.39
C ASP A 17 1.07 -8.09 -16.35
N ARG A 18 1.07 -7.73 -15.08
CA ARG A 18 1.43 -8.67 -14.02
C ARG A 18 0.39 -9.77 -13.86
N PHE A 19 -0.79 -9.57 -14.44
CA PHE A 19 -1.86 -10.55 -14.37
C PHE A 19 -1.97 -11.40 -15.64
N ASN A 20 -1.08 -11.16 -16.60
CA ASN A 20 -1.09 -11.91 -17.84
C ASN A 20 -0.31 -13.21 -17.71
N ILE A 21 -0.94 -14.19 -17.07
CA ILE A 21 -0.28 -15.42 -16.66
C ILE A 21 0.23 -16.27 -17.82
N PRO A 22 -0.60 -16.51 -18.84
CA PRO A 22 -0.08 -17.34 -19.94
C PRO A 22 1.16 -16.74 -20.59
N LYS A 23 1.25 -15.41 -20.62
CA LYS A 23 2.38 -14.75 -21.28
C LYS A 23 3.64 -14.71 -20.42
N ASN A 24 3.46 -14.66 -19.10
CA ASN A 24 4.58 -14.39 -18.20
C ASN A 24 4.96 -15.59 -17.34
N HIS A 25 4.06 -16.55 -17.19
CA HIS A 25 4.38 -17.78 -16.45
C HIS A 25 5.13 -18.71 -17.40
N VAL A 26 6.39 -18.39 -17.64
CA VAL A 26 7.15 -19.03 -18.72
C VAL A 26 8.13 -20.07 -18.21
N ASP A 27 8.67 -20.85 -19.15
CA ASP A 27 9.71 -21.82 -18.86
C ASP A 27 11.05 -21.19 -19.15
N LEU A 28 11.75 -20.75 -18.12
CA LEU A 28 13.03 -20.08 -18.34
C LEU A 28 14.20 -20.94 -17.88
N ILE A 29 15.34 -20.72 -18.51
CA ILE A 29 16.60 -21.30 -18.07
C ILE A 29 17.61 -20.18 -17.92
N TRP A 30 18.51 -20.32 -16.96
CA TRP A 30 19.56 -19.34 -16.78
C TRP A 30 20.58 -19.49 -17.89
N ASP A 31 20.98 -18.36 -18.47
CA ASP A 31 21.80 -18.36 -19.67
C ASP A 31 22.40 -16.99 -19.89
N LYS A 32 23.71 -16.88 -19.71
CA LYS A 32 24.40 -15.60 -19.85
C LYS A 32 24.45 -15.13 -21.29
N ASP A 33 24.06 -16.01 -22.20
CA ASP A 33 23.87 -15.65 -23.60
C ASP A 33 22.39 -15.41 -23.90
N GLY A 34 21.58 -15.27 -22.85
CA GLY A 34 20.13 -15.14 -22.96
C GLY A 34 19.75 -13.77 -23.48
N THR A 35 18.58 -13.72 -24.11
CA THR A 35 18.07 -12.46 -24.66
C THR A 35 17.23 -11.69 -23.66
N LYS A 36 16.76 -12.36 -22.61
CA LYS A 36 16.02 -11.71 -21.54
C LYS A 36 16.95 -11.31 -20.42
N SER A 37 16.75 -10.14 -19.87
CA SER A 37 17.55 -9.67 -18.76
C SER A 37 16.76 -8.76 -17.84
N HIS A 38 17.22 -8.65 -16.60
CA HIS A 38 16.59 -7.79 -15.62
C HIS A 38 17.52 -7.54 -14.45
N THR A 39 17.60 -6.28 -14.03
CA THR A 39 18.41 -5.91 -12.87
C THR A 39 17.52 -5.86 -11.63
N ARG A 40 17.77 -6.78 -10.70
CA ARG A 40 17.10 -6.80 -9.42
C ARG A 40 18.12 -6.41 -8.36
N GLY A 41 17.98 -5.21 -7.84
CA GLY A 41 18.96 -4.67 -6.91
C GLY A 41 20.26 -4.37 -7.63
N ASN A 42 21.35 -4.98 -7.16
CA ASN A 42 22.67 -4.77 -7.75
C ASN A 42 23.02 -5.84 -8.78
N THR A 43 22.16 -6.85 -8.90
CA THR A 43 22.47 -8.00 -9.74
C THR A 43 21.61 -8.03 -11.00
N THR A 44 22.28 -8.21 -12.13
CA THR A 44 21.59 -8.38 -13.40
C THR A 44 21.52 -9.86 -13.74
N TYR A 45 20.31 -10.35 -13.98
CA TYR A 45 20.10 -11.75 -14.35
C TYR A 45 19.87 -11.89 -15.85
N ARG A 46 20.40 -12.97 -16.41
CA ARG A 46 20.24 -13.26 -17.83
C ARG A 46 19.55 -14.61 -18.00
N TRP A 47 18.55 -14.68 -18.87
CA TRP A 47 17.85 -15.94 -19.08
C TRP A 47 17.23 -16.05 -20.46
N THR A 48 16.88 -17.29 -20.80
CA THR A 48 16.22 -17.61 -22.05
C THR A 48 14.84 -18.14 -21.71
N GLU A 49 13.86 -17.73 -22.51
CA GLU A 49 12.48 -18.18 -22.38
C GLU A 49 12.20 -19.24 -23.43
N ARG A 50 12.09 -20.49 -23.00
CA ARG A 50 11.95 -21.59 -23.93
C ARG A 50 10.51 -21.73 -24.39
N LYS A 51 9.58 -21.32 -23.54
CA LYS A 51 8.17 -21.53 -23.80
C LYS A 51 7.33 -20.66 -22.86
N SER A 52 6.14 -20.27 -23.32
CA SER A 52 5.19 -19.55 -22.48
C SER A 52 4.04 -20.46 -22.10
N ASN A 53 3.14 -19.98 -21.23
CA ASN A 53 1.96 -20.73 -20.83
C ASN A 53 2.28 -22.05 -20.14
N VAL A 54 3.27 -22.02 -19.25
CA VAL A 54 3.58 -23.19 -18.43
C VAL A 54 2.39 -23.47 -17.51
N GLY A 55 2.10 -24.74 -17.29
CA GLY A 55 0.98 -25.15 -16.46
C GLY A 55 1.06 -24.56 -15.05
N VAL A 56 -0.06 -24.08 -14.54
CA VAL A 56 -0.12 -23.42 -13.24
C VAL A 56 -0.42 -24.44 -12.15
N TYR A 57 -1.44 -25.26 -12.38
CA TYR A 57 -1.81 -26.30 -11.43
C TYR A 57 -0.63 -27.27 -11.31
N VAL A 58 -0.16 -27.73 -12.47
CA VAL A 58 1.03 -28.56 -12.56
C VAL A 58 1.89 -28.02 -13.71
N GLY A 59 3.14 -27.69 -13.40
CA GLY A 59 4.04 -27.11 -14.38
C GLY A 59 5.31 -27.92 -14.59
N TYR A 60 5.59 -28.27 -15.84
CA TYR A 60 6.73 -29.11 -16.20
C TYR A 60 7.44 -28.60 -17.44
N SER A 61 8.74 -28.82 -17.50
CA SER A 61 9.49 -28.67 -18.74
C SER A 61 10.60 -29.73 -18.79
N GLU A 62 11.13 -29.97 -19.98
CA GLU A 62 12.19 -30.96 -20.14
C GLU A 62 13.38 -30.62 -19.27
N MET A 63 13.86 -31.60 -18.50
CA MET A 63 15.02 -31.42 -17.64
C MET A 63 16.17 -30.82 -18.45
N TYR A 64 16.76 -29.75 -17.91
CA TYR A 64 17.84 -29.03 -18.57
C TYR A 64 19.08 -29.10 -17.70
N ASP A 65 20.15 -29.69 -18.23
CA ASP A 65 21.40 -29.84 -17.49
C ASP A 65 22.57 -29.34 -18.32
N SER A 66 23.05 -28.15 -17.98
CA SER A 66 24.14 -27.51 -18.71
C SER A 66 25.45 -27.59 -17.93
N SER A 67 25.58 -28.60 -17.07
CA SER A 67 26.83 -28.83 -16.35
C SER A 67 27.79 -29.57 -17.27
N ALA A 68 29.05 -29.65 -16.87
CA ALA A 68 30.07 -30.34 -17.64
C ALA A 68 29.66 -31.79 -17.93
N GLN A 69 29.24 -32.49 -16.89
CA GLN A 69 28.90 -33.90 -17.02
C GLN A 69 27.47 -34.14 -17.49
N ALA A 70 26.58 -33.19 -17.23
CA ALA A 70 25.18 -33.29 -17.64
C ALA A 70 24.53 -34.58 -17.16
N TYR A 71 24.83 -34.98 -15.93
CA TYR A 71 24.34 -36.26 -15.39
C TYR A 71 22.81 -36.36 -15.41
N CYS A 72 22.12 -35.26 -15.11
CA CYS A 72 20.67 -35.32 -14.97
C CYS A 72 19.93 -35.37 -16.30
N GLN A 73 20.65 -35.27 -17.41
CA GLN A 73 20.07 -35.49 -18.73
C GLN A 73 20.46 -36.87 -19.28
N SER A 74 21.29 -37.60 -18.54
CA SER A 74 21.69 -38.95 -18.93
C SER A 74 20.50 -39.91 -18.91
N SER A 75 20.54 -40.91 -19.78
CA SER A 75 19.49 -41.92 -19.84
C SER A 75 19.52 -42.80 -18.60
N SER A 76 20.68 -42.90 -17.96
CA SER A 76 20.82 -43.74 -16.77
C SER A 76 20.40 -42.99 -15.51
N ALA A 77 20.22 -41.67 -15.61
CA ALA A 77 19.79 -40.87 -14.48
C ALA A 77 18.30 -41.03 -14.22
N LYS A 78 17.95 -41.27 -12.97
CA LYS A 78 16.54 -41.37 -12.58
C LYS A 78 16.02 -39.99 -12.16
N ILE A 79 14.93 -39.57 -12.81
CA ILE A 79 14.21 -38.35 -12.47
C ILE A 79 12.81 -38.78 -12.05
N ASP A 80 12.32 -38.26 -10.92
CA ASP A 80 11.09 -38.76 -10.34
C ASP A 80 9.90 -38.67 -11.30
N THR A 81 9.91 -37.68 -12.18
CA THR A 81 8.80 -37.48 -13.10
C THR A 81 8.75 -38.52 -14.23
N LYS A 82 9.88 -39.17 -14.51
CA LYS A 82 9.89 -40.24 -15.51
C LYS A 82 8.86 -41.29 -15.15
N THR A 83 8.76 -41.60 -13.86
CA THR A 83 7.83 -42.60 -13.36
C THR A 83 6.41 -42.06 -13.28
N THR A 84 6.26 -40.87 -12.71
CA THR A 84 4.92 -40.34 -12.42
C THR A 84 4.27 -39.66 -13.62
N VAL A 85 5.07 -39.07 -14.50
CA VAL A 85 4.54 -38.30 -15.63
C VAL A 85 4.84 -38.95 -16.97
N GLY A 86 5.90 -39.76 -17.02
CA GLY A 86 6.26 -40.48 -18.23
C GLY A 86 7.40 -39.84 -19.01
N ALA A 87 8.00 -38.81 -18.43
CA ALA A 87 9.11 -38.11 -19.08
C ALA A 87 9.98 -37.41 -18.05
N PRO A 88 11.27 -37.19 -18.39
CA PRO A 88 12.16 -36.46 -17.47
C PRO A 88 11.85 -34.98 -17.43
N TYR A 89 10.90 -34.61 -16.59
CA TYR A 89 10.49 -33.23 -16.42
C TYR A 89 11.01 -32.63 -15.12
N MET A 90 11.43 -31.36 -15.19
CA MET A 90 11.67 -30.57 -14.00
C MET A 90 10.45 -29.68 -13.76
N ALA A 91 10.18 -29.34 -12.50
CA ALA A 91 9.10 -28.42 -12.17
C ALA A 91 9.40 -27.07 -12.78
N ALA A 92 8.43 -26.55 -13.53
CA ALA A 92 8.62 -25.31 -14.28
C ALA A 92 7.49 -24.31 -14.00
N GLY A 93 7.75 -23.05 -14.34
CA GLY A 93 6.81 -21.96 -14.09
C GLY A 93 7.51 -20.78 -13.44
N ALA A 94 7.63 -19.69 -14.18
CA ALA A 94 8.44 -18.55 -13.74
C ALA A 94 7.83 -17.76 -12.58
N CYS A 95 6.51 -17.79 -12.45
CA CYS A 95 5.84 -17.03 -11.39
C CYS A 95 5.70 -17.84 -10.10
N PRO A 96 5.94 -17.20 -8.94
CA PRO A 96 5.65 -17.88 -7.68
C PRO A 96 4.17 -18.23 -7.59
N ASN A 97 3.85 -19.42 -7.08
CA ASN A 97 2.47 -19.86 -6.96
C ASN A 97 2.05 -19.85 -5.50
N TYR A 98 1.35 -18.79 -5.12
CA TYR A 98 1.00 -18.56 -3.73
C TYR A 98 -0.11 -19.49 -3.25
N GLY A 99 0.11 -20.13 -2.10
CA GLY A 99 -0.87 -21.02 -1.51
C GLY A 99 -0.75 -22.46 -1.97
N LYS A 100 0.00 -22.68 -3.05
CA LYS A 100 0.13 -24.01 -3.64
C LYS A 100 0.94 -24.95 -2.76
N VAL A 101 0.30 -26.02 -2.30
CA VAL A 101 0.97 -27.03 -1.48
C VAL A 101 0.76 -28.39 -2.13
N ILE A 102 1.78 -29.25 -2.04
CA ILE A 102 1.67 -30.60 -2.56
C ILE A 102 1.13 -31.48 -1.43
N ALA A 103 -0.14 -31.84 -1.56
CA ALA A 103 -0.84 -32.57 -0.51
C ALA A 103 -0.82 -34.06 -0.79
N PHE A 104 -0.51 -34.85 0.23
CA PHE A 104 -0.67 -36.30 0.16
C PHE A 104 -2.15 -36.65 0.30
N THR A 105 -2.65 -37.45 -0.63
CA THR A 105 -4.07 -37.79 -0.66
C THR A 105 -4.29 -39.27 -0.92
N LYS A 106 -5.56 -39.68 -0.91
CA LYS A 106 -5.95 -40.95 -1.48
C LYS A 106 -6.08 -40.74 -2.98
N ARG A 107 -6.27 -41.83 -3.72
CA ARG A 107 -6.26 -41.76 -5.18
C ARG A 107 -7.33 -40.82 -5.74
N ASP A 108 -8.41 -40.64 -4.99
CA ASP A 108 -9.51 -39.78 -5.46
C ASP A 108 -9.32 -38.33 -5.02
N GLY A 109 -8.40 -38.11 -4.08
CA GLY A 109 -8.09 -36.77 -3.59
C GLY A 109 -8.54 -36.52 -2.16
N SER A 110 -9.36 -37.42 -1.62
CA SER A 110 -9.85 -37.28 -0.26
C SER A 110 -8.75 -37.52 0.77
N ARG A 111 -9.08 -37.25 2.03
CA ARG A 111 -8.16 -37.44 3.15
C ARG A 111 -6.82 -36.75 2.90
N SER A 112 -6.88 -35.49 2.47
CA SER A 112 -5.67 -34.75 2.14
C SER A 112 -4.88 -34.38 3.39
N ASP A 113 -3.57 -34.55 3.30
CA ASP A 113 -2.63 -34.07 4.31
C ASP A 113 -1.76 -33.01 3.68
N MET A 114 -1.78 -31.80 4.26
CA MET A 114 -1.09 -30.66 3.67
C MET A 114 0.15 -30.23 4.46
N THR A 115 0.57 -31.06 5.40
CA THR A 115 1.80 -30.82 6.14
C THR A 115 2.78 -31.98 5.99
N ARG A 116 2.28 -33.08 5.45
CA ARG A 116 3.08 -34.28 5.25
C ARG A 116 4.35 -34.00 4.42
N TRP A 117 4.25 -33.04 3.49
CA TRP A 117 5.35 -32.75 2.57
C TRP A 117 6.63 -32.36 3.29
N LYS A 118 6.49 -31.91 4.53
CA LYS A 118 7.63 -31.43 5.30
C LYS A 118 8.60 -32.54 5.70
N ASN A 119 8.12 -33.77 5.75
CA ASN A 119 9.00 -34.90 5.99
C ASN A 119 9.96 -35.07 4.82
N GLU A 120 11.18 -35.51 5.09
CA GLU A 120 12.15 -35.72 4.02
C GLU A 120 11.70 -36.86 3.11
N ILE A 121 12.24 -36.87 1.90
CA ILE A 121 11.95 -37.91 0.93
C ILE A 121 12.65 -39.21 1.31
N HIS A 122 12.27 -40.30 0.63
CA HIS A 122 12.96 -41.57 0.72
C HIS A 122 13.27 -42.06 -0.69
N ALA A 123 14.32 -41.52 -1.29
CA ALA A 123 14.64 -41.80 -2.69
C ALA A 123 15.75 -42.83 -2.84
N ASN A 124 16.10 -43.49 -1.74
CA ASN A 124 17.18 -44.49 -1.73
C ASN A 124 18.51 -43.87 -2.14
N VAL A 125 18.96 -42.89 -1.36
CA VAL A 125 20.16 -42.13 -1.65
C VAL A 125 21.15 -42.17 -0.48
N MET A 126 20.64 -42.02 0.74
CA MET A 126 21.48 -41.92 1.93
C MET A 126 21.47 -43.23 2.71
N PRO A 127 22.65 -43.74 3.11
CA PRO A 127 23.99 -43.17 2.88
C PRO A 127 24.46 -43.39 1.44
N HIS A 128 25.22 -42.45 0.91
CA HIS A 128 25.73 -42.57 -0.46
C HIS A 128 26.94 -43.49 -0.50
N SER A 129 27.83 -43.34 0.47
CA SER A 129 29.03 -44.17 0.57
C SER A 129 29.33 -44.52 2.03
N THR A 130 29.84 -45.73 2.25
CA THR A 130 30.22 -46.18 3.58
C THR A 130 31.59 -46.86 3.53
N THR A 131 32.41 -46.47 2.56
CA THR A 131 33.70 -47.11 2.30
C THR A 131 34.63 -47.06 3.51
N SER A 132 34.60 -45.95 4.24
CA SER A 132 35.48 -45.76 5.39
C SER A 132 34.90 -46.30 6.69
N CYS A 133 33.69 -46.85 6.62
CA CYS A 133 32.98 -47.31 7.81
C CYS A 133 33.34 -48.74 8.16
N ALA A 134 33.07 -49.12 9.40
CA ALA A 134 33.31 -50.48 9.87
C ALA A 134 32.39 -51.45 9.15
N SER A 135 31.13 -51.06 8.98
CA SER A 135 30.16 -51.85 8.24
C SER A 135 29.52 -50.98 7.16
N ARG A 136 28.86 -51.61 6.21
CA ARG A 136 28.24 -50.91 5.10
C ARG A 136 26.74 -51.06 5.12
N ALA A 137 26.06 -50.27 4.31
CA ALA A 137 24.61 -50.29 4.21
C ALA A 137 24.18 -49.73 2.87
N ASP A 138 23.01 -50.13 2.41
CA ASP A 138 22.50 -49.68 1.12
C ASP A 138 21.92 -48.28 1.23
N PRO A 139 21.95 -47.52 0.12
CA PRO A 139 21.25 -46.23 0.11
C PRO A 139 19.79 -46.40 0.51
N GLY A 140 19.30 -45.53 1.39
CA GLY A 140 17.95 -45.62 1.91
C GLY A 140 17.94 -45.99 3.37
N ALA A 141 18.99 -46.67 3.83
CA ALA A 141 19.05 -47.19 5.19
C ALA A 141 18.99 -46.09 6.24
N ALA A 142 19.46 -44.89 5.89
CA ALA A 142 19.53 -43.79 6.85
C ALA A 142 18.32 -42.86 6.75
N GLU A 143 17.47 -43.09 5.75
CA GLU A 143 16.39 -42.16 5.41
C GLU A 143 15.14 -42.40 6.25
N VAL A 144 14.28 -41.39 6.31
CA VAL A 144 13.00 -41.54 6.99
C VAL A 144 12.25 -42.69 6.35
N ALA A 145 11.56 -43.48 7.16
CA ALA A 145 10.82 -44.64 6.67
C ALA A 145 9.89 -44.24 5.53
N LYS A 146 9.77 -45.11 4.54
CA LYS A 146 8.92 -44.84 3.39
C LYS A 146 7.49 -44.56 3.83
N SER A 147 7.07 -45.22 4.92
CA SER A 147 5.72 -45.12 5.42
C SER A 147 5.34 -43.70 5.87
N ILE A 148 6.34 -42.86 6.12
CA ILE A 148 6.09 -41.46 6.48
C ILE A 148 6.85 -40.50 5.58
N GLU A 149 7.13 -40.94 4.34
CA GLU A 149 7.89 -40.12 3.39
C GLU A 149 7.15 -38.83 3.05
N GLY A 150 7.90 -37.73 2.98
CA GLY A 150 7.39 -36.46 2.50
C GLY A 150 8.03 -36.07 1.18
N PHE A 151 8.12 -34.77 0.93
CA PHE A 151 8.64 -34.24 -0.33
C PHE A 151 9.88 -33.37 -0.12
N ALA A 152 10.25 -33.15 1.13
CA ALA A 152 11.40 -32.30 1.44
C ALA A 152 12.71 -32.98 1.07
N MET A 153 13.60 -32.21 0.44
CA MET A 153 14.93 -32.67 0.10
C MET A 153 15.75 -32.93 1.36
N TYR A 154 16.77 -33.77 1.24
CA TYR A 154 17.66 -34.05 2.36
C TYR A 154 18.23 -32.76 2.92
N ALA A 155 18.41 -32.73 4.23
CA ALA A 155 18.79 -31.51 4.95
C ALA A 155 20.17 -31.01 4.53
N GLY A 156 21.05 -31.94 4.18
CA GLY A 156 22.40 -31.59 3.77
C GLY A 156 23.15 -32.82 3.32
N TYR A 157 24.40 -32.63 2.89
CA TYR A 157 25.24 -33.75 2.46
C TYR A 157 26.72 -33.36 2.56
N LEU A 158 27.49 -34.19 3.26
CA LEU A 158 28.89 -33.90 3.60
C LEU A 158 28.96 -32.74 4.59
N THR A 159 30.17 -32.35 4.99
CA THR A 159 30.34 -31.27 5.96
C THR A 159 29.89 -29.94 5.38
N HIS A 160 30.24 -29.71 4.11
CA HIS A 160 29.96 -28.43 3.47
C HIS A 160 29.95 -28.55 1.95
N CYS A 161 29.32 -27.58 1.29
CA CYS A 161 29.28 -27.50 -0.16
C CYS A 161 29.80 -26.14 -0.59
N PRO A 162 30.78 -26.10 -1.51
CA PRO A 162 31.47 -27.21 -2.17
C PRO A 162 32.43 -27.93 -1.22
N TYR A 163 32.38 -29.26 -1.21
CA TYR A 163 33.14 -30.04 -0.24
C TYR A 163 34.64 -29.87 -0.42
N ASN A 164 35.06 -29.64 -1.66
CA ASN A 164 36.47 -29.40 -1.93
C ASN A 164 36.67 -28.56 -3.19
N VAL A 165 37.93 -28.35 -3.54
CA VAL A 165 38.30 -27.44 -4.62
C VAL A 165 37.79 -27.96 -5.97
N ASN A 166 37.92 -29.26 -6.18
CA ASN A 166 37.56 -29.88 -7.45
C ASN A 166 36.07 -29.76 -7.75
N VAL A 167 35.24 -30.00 -6.73
CA VAL A 167 33.80 -29.89 -6.88
C VAL A 167 33.43 -28.51 -7.41
N TYR A 168 33.96 -27.47 -6.78
CA TYR A 168 33.64 -26.11 -7.16
C TYR A 168 34.14 -25.77 -8.56
N ARG A 169 35.38 -26.12 -8.85
CA ARG A 169 36.03 -25.70 -10.10
C ARG A 169 35.65 -26.55 -11.32
N GLN A 170 35.21 -27.79 -11.07
CA GLN A 170 34.91 -28.71 -12.17
C GLN A 170 33.41 -28.86 -12.41
N ASP A 171 32.64 -28.97 -11.34
CA ASP A 171 31.21 -29.26 -11.44
C ASP A 171 30.35 -28.01 -11.45
N MET A 172 30.77 -27.00 -10.69
CA MET A 172 29.92 -25.84 -10.44
C MET A 172 30.24 -24.67 -11.35
N VAL A 173 31.48 -24.19 -11.31
CA VAL A 173 31.85 -23.01 -12.08
C VAL A 173 31.68 -23.24 -13.59
N THR A 174 31.77 -24.50 -14.02
CA THR A 174 31.62 -24.82 -15.43
C THR A 174 30.16 -24.97 -15.85
N ASP A 175 29.27 -25.09 -14.86
CA ASP A 175 27.83 -25.16 -15.13
C ASP A 175 27.34 -23.82 -15.66
N LYS A 176 26.70 -23.82 -16.82
CA LYS A 176 26.30 -22.58 -17.45
C LYS A 176 25.13 -21.90 -16.72
N GLU A 177 24.49 -22.62 -15.81
CA GLU A 177 23.42 -22.04 -14.99
C GLU A 177 23.95 -21.53 -13.66
N PHE A 178 25.18 -21.91 -13.33
CA PHE A 178 25.81 -21.45 -12.09
C PHE A 178 26.43 -20.07 -12.28
N ASP A 179 26.39 -19.26 -11.24
CA ASP A 179 27.04 -17.95 -11.23
C ASP A 179 27.63 -17.69 -9.85
N SER A 180 28.92 -17.37 -9.81
CA SER A 180 29.64 -17.22 -8.56
C SER A 180 29.17 -16.02 -7.72
N THR A 181 28.59 -15.03 -8.38
CA THR A 181 28.13 -13.83 -7.68
C THR A 181 26.75 -14.08 -7.08
N VAL A 182 25.83 -14.59 -7.90
CA VAL A 182 24.51 -14.98 -7.43
C VAL A 182 24.63 -16.05 -6.36
N CYS A 183 25.53 -17.01 -6.59
CA CYS A 183 25.72 -18.12 -5.66
C CYS A 183 26.95 -17.89 -4.79
N ASN A 184 27.12 -16.67 -4.28
CA ASN A 184 28.30 -16.33 -3.49
C ASN A 184 28.30 -16.97 -2.11
N PHE A 185 27.21 -17.65 -1.77
CA PHE A 185 27.07 -18.29 -0.47
C PHE A 185 27.39 -19.79 -0.53
N VAL A 186 27.84 -20.24 -1.70
CA VAL A 186 28.21 -21.64 -1.89
C VAL A 186 29.40 -21.70 -2.86
N THR A 187 30.55 -21.21 -2.36
CA THR A 187 31.78 -21.19 -3.14
C THR A 187 32.92 -21.74 -2.29
N GLU A 188 34.08 -21.97 -2.91
CA GLU A 188 35.22 -22.50 -2.19
C GLU A 188 35.69 -21.52 -1.12
N SER A 189 35.58 -20.22 -1.42
CA SER A 189 35.98 -19.19 -0.47
C SER A 189 34.90 -18.91 0.57
N ASN A 190 33.66 -19.25 0.23
CA ASN A 190 32.52 -19.04 1.12
C ASN A 190 31.52 -20.19 1.01
N PRO A 191 31.87 -21.36 1.58
CA PRO A 191 31.04 -22.57 1.44
C PRO A 191 29.76 -22.55 2.26
N LEU A 192 28.76 -23.27 1.77
CA LEU A 192 27.53 -23.49 2.52
C LEU A 192 27.74 -24.67 3.46
N ARG A 193 27.58 -24.44 4.76
CA ARG A 193 27.95 -25.46 5.74
CA ARG A 193 27.95 -25.40 5.80
C ARG A 193 26.76 -26.23 6.29
N PHE A 194 26.94 -27.54 6.36
CA PHE A 194 25.97 -28.47 6.94
C PHE A 194 26.46 -28.86 8.32
N LEU A 195 27.69 -29.34 8.38
CA LEU A 195 28.37 -29.64 9.63
C LEU A 195 29.54 -28.68 9.78
N ASP A 196 29.36 -27.66 10.63
CA ASP A 196 30.33 -26.58 10.74
C ASP A 196 31.54 -26.96 11.58
N THR A 197 32.62 -27.35 10.92
CA THR A 197 33.83 -27.79 11.60
C THR A 197 34.65 -26.62 12.14
N THR A 198 34.39 -25.42 11.66
CA THR A 198 35.09 -24.22 12.13
C THR A 198 34.62 -23.83 13.52
N GLN A 199 33.61 -24.54 14.03
CA GLN A 199 33.08 -24.31 15.36
C GLN A 199 32.44 -25.59 15.90
N GLN A 204 31.24 -32.93 20.16
CA GLN A 204 31.44 -33.16 18.74
C GLN A 204 32.27 -32.06 18.11
N PRO A 205 33.10 -32.39 17.11
CA PRO A 205 33.98 -31.39 16.50
C PRO A 205 33.31 -30.52 15.44
N TYR A 206 32.03 -30.18 15.65
CA TYR A 206 31.30 -29.34 14.72
C TYR A 206 29.95 -28.89 15.28
N THR A 207 29.30 -27.99 14.56
CA THR A 207 27.93 -27.57 14.86
C THR A 207 27.01 -27.90 13.68
N GLU A 208 25.85 -28.47 13.98
CA GLU A 208 24.92 -28.92 12.94
C GLU A 208 24.04 -27.79 12.42
N TYR A 209 23.94 -27.67 11.09
CA TYR A 209 23.01 -26.75 10.45
C TYR A 209 22.25 -27.48 9.34
N ALA A 210 22.14 -26.85 8.16
CA ALA A 210 21.47 -27.45 7.02
C ALA A 210 21.69 -26.60 5.77
N PHE A 211 21.54 -27.21 4.60
CA PHE A 211 21.61 -26.47 3.33
C PHE A 211 20.32 -25.69 3.10
N HIS A 212 19.24 -26.11 3.75
CA HIS A 212 17.95 -25.47 3.58
C HIS A 212 17.02 -25.82 4.74
N GLY A 213 16.03 -24.97 4.99
CA GLY A 213 15.06 -25.18 6.06
C GLY A 213 15.46 -24.45 7.32
N LYS A 214 14.55 -24.40 8.30
CA LYS A 214 14.84 -23.73 9.56
C LYS A 214 14.84 -24.69 10.76
N GLY A 215 14.73 -25.98 10.48
CA GLY A 215 14.83 -27.00 11.52
C GLY A 215 13.49 -27.53 12.02
N GLY A 216 13.54 -28.68 12.67
CA GLY A 216 12.37 -29.24 13.34
C GLY A 216 11.66 -30.30 12.54
N HIS A 217 12.24 -30.68 11.40
CA HIS A 217 11.59 -31.62 10.51
C HIS A 217 12.20 -33.01 10.63
N LYS A 218 11.43 -34.01 10.21
CA LYS A 218 11.88 -35.39 10.17
C LYS A 218 12.76 -35.65 8.96
N GLY A 219 14.05 -35.90 9.20
CA GLY A 219 15.00 -36.10 8.13
C GLY A 219 15.82 -37.37 8.29
N TYR A 220 16.76 -37.58 7.38
CA TYR A 220 17.58 -38.79 7.42
C TYR A 220 18.65 -38.64 8.48
N ASP A 221 19.06 -39.78 9.04
CA ASP A 221 20.07 -39.81 10.08
C ASP A 221 21.46 -39.69 9.46
N TYR A 222 21.95 -38.46 9.38
CA TYR A 222 23.23 -38.16 8.74
C TYR A 222 24.41 -38.63 9.59
N LYS A 223 24.15 -38.91 10.86
CA LYS A 223 25.22 -39.13 11.82
C LYS A 223 25.48 -40.61 12.08
N GLY A 224 24.42 -41.36 12.38
CA GLY A 224 24.56 -42.74 12.81
C GLY A 224 24.92 -42.79 14.29
N GLN A 225 24.97 -44.00 14.86
CA GLN A 225 25.22 -44.16 16.29
C GLN A 225 26.69 -44.01 16.66
N THR A 226 27.57 -44.39 15.75
CA THR A 226 28.99 -44.44 16.06
C THR A 226 29.57 -43.04 16.10
N SER A 227 30.84 -42.93 16.51
CA SER A 227 31.54 -41.67 16.53
C SER A 227 32.04 -41.30 15.14
N HIS A 228 31.98 -42.27 14.23
CA HIS A 228 32.32 -42.02 12.83
C HIS A 228 31.07 -41.53 12.11
N VAL A 229 31.01 -40.23 11.86
CA VAL A 229 29.82 -39.59 11.33
C VAL A 229 29.44 -40.12 9.94
N GLY A 230 28.20 -40.58 9.81
CA GLY A 230 27.68 -41.07 8.56
C GLY A 230 27.69 -42.58 8.43
N CYS A 231 28.31 -43.27 9.39
CA CYS A 231 28.45 -44.72 9.31
C CYS A 231 27.28 -45.44 9.96
N PRO A 232 26.95 -46.65 9.46
CA PRO A 232 25.85 -47.42 10.06
C PRO A 232 26.16 -47.84 11.49
N PRO A 233 25.13 -48.23 12.26
CA PRO A 233 23.71 -48.22 11.87
C PRO A 233 23.06 -46.86 12.11
N TYR A 234 21.82 -46.69 11.64
CA TYR A 234 21.14 -45.40 11.70
C TYR A 234 19.86 -45.49 12.53
N ASN A 235 19.38 -44.33 12.97
CA ASN A 235 18.17 -44.25 13.80
C ASN A 235 17.22 -43.15 13.34
N PRO A 236 16.74 -43.25 12.10
CA PRO A 236 15.80 -42.26 11.58
C PRO A 236 14.46 -42.29 12.33
N PRO A 237 13.72 -41.18 12.34
CA PRO A 237 14.07 -39.88 11.76
C PRO A 237 14.99 -39.08 12.67
N HIS A 238 15.87 -38.28 12.07
CA HIS A 238 16.66 -37.31 12.80
C HIS A 238 16.00 -35.94 12.63
N VAL A 239 15.90 -35.19 13.72
CA VAL A 239 15.29 -33.87 13.69
C VAL A 239 16.28 -32.88 13.09
N THR A 240 15.89 -32.26 11.98
CA THR A 240 16.76 -31.34 11.27
C THR A 240 17.01 -30.05 12.03
N LYS A 241 18.14 -29.43 11.73
CA LYS A 241 18.44 -28.08 12.20
C LYS A 241 18.20 -27.11 11.05
N GLY A 242 18.39 -25.82 11.30
CA GLY A 242 18.18 -24.80 10.29
C GLY A 242 19.48 -24.36 9.64
N MET A 243 19.37 -23.54 8.60
CA MET A 243 20.54 -22.98 7.92
C MET A 243 21.33 -22.11 8.88
N LYS A 244 22.64 -22.02 8.66
CA LYS A 244 23.49 -21.17 9.49
C LYS A 244 23.16 -19.70 9.26
N ASP A 245 22.94 -19.33 8.00
CA ASP A 245 22.57 -17.97 7.65
C ASP A 245 21.47 -17.94 6.59
N SER A 246 20.27 -17.60 7.03
CA SER A 246 19.09 -17.54 6.17
C SER A 246 18.62 -16.09 5.93
N SER A 247 19.39 -15.13 6.42
CA SER A 247 18.95 -13.74 6.47
C SER A 247 18.74 -13.08 5.10
N TRP A 248 19.42 -13.57 4.07
CA TRP A 248 19.32 -12.97 2.75
C TRP A 248 18.10 -13.49 1.97
N ILE A 249 17.52 -14.60 2.43
CA ILE A 249 16.35 -15.18 1.77
C ILE A 249 15.09 -14.44 2.20
N THR A 250 14.80 -13.35 1.50
CA THR A 250 13.77 -12.39 1.91
C THR A 250 12.43 -12.57 1.19
N GLY A 251 12.41 -13.43 0.18
CA GLY A 251 11.21 -13.66 -0.58
C GLY A 251 11.30 -14.91 -1.42
N PRO A 252 10.21 -15.21 -2.14
CA PRO A 252 10.15 -16.43 -2.95
C PRO A 252 11.23 -16.47 -4.03
N PHE A 253 11.60 -15.34 -4.61
CA PHE A 253 12.64 -15.37 -5.63
C PHE A 253 13.98 -15.73 -5.01
N GLU A 254 14.26 -15.18 -3.85
CA GLU A 254 15.52 -15.46 -3.16
C GLU A 254 15.57 -16.94 -2.79
N CYS A 255 14.41 -17.50 -2.52
CA CYS A 255 14.30 -18.92 -2.19
C CYS A 255 14.66 -19.76 -3.42
N SER A 256 14.31 -19.27 -4.61
CA SER A 256 14.62 -20.01 -5.83
C SER A 256 16.12 -20.00 -6.09
N ILE A 257 16.79 -18.94 -5.67
CA ILE A 257 18.24 -18.84 -5.80
C ILE A 257 18.92 -19.94 -5.00
N LEU A 258 18.39 -20.24 -3.82
CA LEU A 258 18.95 -21.30 -2.99
C LEU A 258 18.93 -22.62 -3.76
N SER A 259 17.84 -22.87 -4.47
CA SER A 259 17.72 -24.07 -5.29
C SER A 259 18.72 -24.04 -6.44
N ARG A 260 18.76 -22.91 -7.14
CA ARG A 260 19.66 -22.76 -8.28
C ARG A 260 21.10 -23.11 -7.92
N CYS A 261 21.54 -22.65 -6.75
CA CYS A 261 22.96 -22.67 -6.41
C CYS A 261 23.43 -23.95 -5.70
N THR A 262 22.51 -24.86 -5.36
CA THR A 262 22.84 -26.01 -4.53
C THR A 262 22.67 -27.35 -5.24
N THR A 263 22.47 -27.30 -6.55
CA THR A 263 22.31 -28.51 -7.35
C THR A 263 23.48 -29.47 -7.17
N HIS A 264 24.70 -28.94 -7.23
CA HIS A 264 25.89 -29.78 -7.20
C HIS A 264 26.33 -30.13 -5.79
N CYS A 265 25.51 -29.80 -4.81
CA CYS A 265 25.79 -30.17 -3.42
C CYS A 265 25.34 -31.59 -3.10
N TRP A 266 24.55 -32.17 -3.99
CA TRP A 266 23.95 -33.48 -3.75
C TRP A 266 24.72 -34.60 -4.44
N PRO A 267 24.65 -35.81 -3.89
CA PRO A 267 25.34 -36.95 -4.52
C PRO A 267 24.60 -37.48 -5.73
N TYR A 268 25.33 -38.13 -6.62
CA TYR A 268 24.74 -38.86 -7.72
C TYR A 268 25.62 -40.03 -8.10
N LYS A 269 24.99 -41.13 -8.48
CA LYS A 269 25.69 -42.22 -9.11
C LYS A 269 24.75 -42.86 -10.11
N SER A 270 25.34 -43.54 -11.10
CA SER A 270 24.59 -44.11 -12.21
C SER A 270 23.41 -44.95 -11.73
N GLY A 271 22.24 -44.63 -12.27
CA GLY A 271 21.03 -45.39 -11.97
C GLY A 271 20.21 -44.82 -10.83
N GLY A 272 20.81 -43.92 -10.04
CA GLY A 272 20.13 -43.34 -8.90
C GLY A 272 19.47 -42.01 -9.25
N ASN A 273 18.73 -41.46 -8.30
CA ASN A 273 18.09 -40.16 -8.52
C ASN A 273 19.13 -39.08 -8.79
N CYS A 274 18.88 -38.28 -9.81
CA CYS A 274 19.70 -37.12 -10.10
C CYS A 274 18.94 -35.84 -9.70
N PHE A 275 19.51 -35.07 -8.78
CA PHE A 275 18.84 -33.89 -8.23
C PHE A 275 19.33 -32.59 -8.87
N ARG A 276 18.42 -31.90 -9.54
CA ARG A 276 18.77 -30.63 -10.19
C ARG A 276 17.53 -29.74 -10.36
N SER A 277 17.74 -28.43 -10.25
CA SER A 277 16.67 -27.44 -10.45
C SER A 277 15.46 -27.74 -9.59
N LEU A 278 15.71 -28.06 -8.33
CA LEU A 278 14.66 -28.48 -7.43
C LEU A 278 13.66 -27.37 -7.14
N PRO A 279 12.36 -27.72 -7.09
CA PRO A 279 11.38 -26.73 -6.63
C PRO A 279 11.48 -26.56 -5.12
N ALA A 280 10.86 -25.53 -4.58
CA ALA A 280 10.95 -25.26 -3.15
C ALA A 280 9.66 -24.65 -2.60
N MET A 281 9.50 -24.77 -1.28
CA MET A 281 8.40 -24.13 -0.56
C MET A 281 8.96 -22.99 0.26
N PHE A 282 8.39 -21.80 0.06
CA PHE A 282 8.74 -20.64 0.87
C PHE A 282 7.59 -20.29 1.80
N ASP A 283 7.92 -19.97 3.05
CA ASP A 283 6.92 -19.58 4.05
C ASP A 283 7.03 -18.07 4.27
N MET A 284 6.01 -17.34 3.80
CA MET A 284 6.01 -15.88 3.88
C MET A 284 6.06 -15.39 5.33
N SER A 285 5.57 -16.21 6.26
CA SER A 285 5.45 -15.77 7.66
C SER A 285 6.76 -15.94 8.43
N THR A 286 7.53 -16.97 8.09
CA THR A 286 8.74 -17.30 8.84
C THR A 286 10.01 -17.10 8.02
N GLY A 287 9.86 -17.04 6.70
CA GLY A 287 11.00 -16.88 5.82
C GLY A 287 11.73 -18.17 5.57
N GLU A 288 11.14 -19.29 5.96
CA GLU A 288 11.74 -20.59 5.73
C GLU A 288 11.67 -20.98 4.25
N CYS A 289 12.83 -21.32 3.69
CA CYS A 289 12.92 -21.83 2.32
C CYS A 289 13.26 -23.30 2.37
N ARG A 290 12.30 -24.14 1.98
CA ARG A 290 12.48 -25.59 2.01
C ARG A 290 12.53 -26.17 0.60
N LEU A 291 13.66 -26.79 0.26
CA LEU A 291 13.81 -27.48 -1.01
C LEU A 291 13.01 -28.78 -1.03
N LEU A 292 12.36 -29.04 -2.16
CA LEU A 292 11.68 -30.29 -2.40
C LEU A 292 12.57 -31.20 -3.24
N GLY A 293 12.55 -32.50 -2.91
CA GLY A 293 13.39 -33.47 -3.61
C GLY A 293 12.76 -34.01 -4.88
N TYR A 294 11.47 -33.74 -5.07
CA TYR A 294 10.73 -34.26 -6.22
C TYR A 294 10.13 -33.13 -7.05
N HIS A 295 10.16 -33.30 -8.38
CA HIS A 295 9.57 -32.34 -9.30
C HIS A 295 8.08 -32.59 -9.48
N THR A 296 7.65 -33.82 -9.22
CA THR A 296 6.25 -34.20 -9.38
C THR A 296 5.34 -33.28 -8.55
N GLN A 297 4.17 -32.96 -9.11
CA GLN A 297 3.21 -32.10 -8.43
C GLN A 297 1.86 -32.78 -8.31
N ASP A 298 1.58 -33.72 -9.22
CA ASP A 298 0.34 -34.47 -9.19
C ASP A 298 0.59 -35.92 -9.58
N PHE A 299 0.05 -36.84 -8.79
CA PHE A 299 0.09 -38.25 -9.12
C PHE A 299 -1.18 -38.92 -8.60
N ARG A 300 -1.95 -39.50 -9.51
CA ARG A 300 -3.26 -40.05 -9.18
C ARG A 300 -3.58 -41.31 -10.00
N SER A 301 -2.54 -41.96 -10.51
CA SER A 301 -2.73 -43.18 -11.30
C SER A 301 -3.08 -44.35 -10.40
N SER A 302 -3.48 -45.47 -11.01
CA SER A 302 -3.89 -46.64 -10.25
C SER A 302 -2.74 -47.25 -9.45
N THR A 303 -1.51 -46.93 -9.84
CA THR A 303 -0.33 -47.49 -9.17
C THR A 303 0.22 -46.61 -8.04
N CYS A 304 -0.40 -45.44 -7.83
CA CYS A 304 0.09 -44.53 -6.80
C CYS A 304 -0.28 -45.05 -5.42
N ALA A 305 0.62 -44.83 -4.45
CA ALA A 305 0.42 -45.31 -3.09
C ALA A 305 -0.41 -44.31 -2.28
N GLU A 306 -1.32 -44.84 -1.46
CA GLU A 306 -2.24 -44.01 -0.70
C GLU A 306 -1.79 -43.79 0.74
N LEU A 307 -1.23 -42.61 0.99
CA LEU A 307 -0.90 -42.13 2.34
C LEU A 307 0.23 -42.88 3.04
N THR A 308 0.24 -44.21 3.01
CA THR A 308 1.34 -44.97 3.61
C THR A 308 1.63 -46.26 2.85
N THR A 309 2.91 -46.55 2.68
CA THR A 309 3.36 -47.81 2.10
C THR A 309 4.78 -48.11 2.56
N ASP A 310 5.14 -49.38 2.52
CA ASP A 310 6.50 -49.81 2.83
C ASP A 310 7.30 -49.99 1.55
N ASP A 311 6.59 -50.09 0.43
CA ASP A 311 7.21 -50.30 -0.87
C ASP A 311 8.08 -49.10 -1.24
N THR A 312 9.38 -49.29 -1.12
CA THR A 312 10.34 -48.23 -1.35
C THR A 312 10.44 -47.86 -2.84
N ASN A 313 9.78 -48.63 -3.70
CA ASN A 313 9.83 -48.40 -5.14
C ASN A 313 8.61 -47.67 -5.69
N ALA A 314 7.60 -47.48 -4.84
CA ALA A 314 6.36 -46.84 -5.25
C ALA A 314 6.43 -45.32 -5.05
N PHE A 315 5.48 -44.61 -5.65
CA PHE A 315 5.34 -43.17 -5.46
C PHE A 315 3.95 -42.86 -4.94
N TYR A 316 3.87 -41.95 -3.97
CA TYR A 316 2.62 -41.64 -3.29
C TYR A 316 1.65 -40.85 -4.16
N CYS A 317 0.35 -41.01 -3.87
CA CYS A 317 -0.68 -40.16 -4.46
C CYS A 317 -0.54 -38.74 -3.91
N VAL A 318 -0.41 -37.76 -4.79
CA VAL A 318 -0.34 -36.36 -4.38
C VAL A 318 -1.10 -35.47 -5.35
N ARG A 319 -1.63 -34.38 -4.82
CA ARG A 319 -2.31 -33.38 -5.63
C ARG A 319 -1.94 -31.99 -5.12
N PRO A 320 -1.77 -31.03 -6.04
CA PRO A 320 -1.58 -29.65 -5.58
C PRO A 320 -2.87 -29.11 -4.96
N MET A 321 -2.77 -28.43 -3.83
CA MET A 321 -3.96 -27.89 -3.16
C MET A 321 -3.72 -26.48 -2.62
N LYS A 322 -4.81 -25.73 -2.50
CA LYS A 322 -4.77 -24.40 -1.90
C LYS A 322 -5.89 -24.29 -0.88
N THR A 323 -5.57 -23.75 0.29
CA THR A 323 -6.57 -23.45 1.30
C THR A 323 -6.22 -22.11 1.91
N ALA A 324 -7.18 -21.50 2.62
CA ALA A 324 -6.95 -20.21 3.24
C ALA A 324 -5.75 -20.29 4.18
N ALA A 325 -5.67 -21.39 4.92
CA ALA A 325 -4.61 -21.58 5.90
C ALA A 325 -3.24 -21.78 5.25
N SER A 326 -3.21 -22.14 3.97
CA SER A 326 -1.96 -22.34 3.26
C SER A 326 -1.45 -21.05 2.61
N SER A 327 -2.14 -19.94 2.87
CA SER A 327 -1.87 -18.69 2.17
C SER A 327 -0.51 -18.08 2.50
N ASN A 328 0.18 -18.66 3.48
CA ASN A 328 1.52 -18.22 3.82
CA ASN A 328 1.54 -18.21 3.81
C ASN A 328 2.57 -18.94 2.97
N MET A 329 2.15 -20.04 2.36
CA MET A 329 3.05 -20.90 1.60
C MET A 329 3.14 -20.52 0.12
N VAL A 330 4.31 -20.74 -0.45
CA VAL A 330 4.56 -20.41 -1.85
C VAL A 330 5.31 -21.56 -2.53
N TYR A 331 4.73 -22.10 -3.59
CA TYR A 331 5.42 -23.07 -4.43
C TYR A 331 6.29 -22.34 -5.45
N VAL A 332 7.60 -22.52 -5.33
CA VAL A 332 8.59 -21.80 -6.12
C VAL A 332 9.43 -22.77 -6.95
N THR A 333 9.54 -22.51 -8.24
CA THR A 333 10.42 -23.32 -9.09
C THR A 333 11.82 -22.73 -9.07
N SER A 334 12.79 -23.53 -9.47
CA SER A 334 14.18 -23.11 -9.45
C SER A 334 14.40 -21.97 -10.43
N HIS A 335 13.57 -21.94 -11.46
CA HIS A 335 13.64 -20.92 -12.50
C HIS A 335 12.54 -19.88 -12.33
N THR A 336 12.56 -19.18 -11.20
CA THR A 336 11.62 -18.10 -10.94
C THR A 336 12.17 -16.82 -11.55
N ARG A 337 11.33 -16.05 -12.22
CA ARG A 337 11.82 -14.85 -12.89
C ARG A 337 12.04 -13.73 -11.89
N PRO A 338 13.19 -13.02 -12.02
CA PRO A 338 13.59 -12.04 -11.01
C PRO A 338 12.75 -10.77 -11.02
N ASP A 339 11.88 -10.64 -12.02
CA ASP A 339 11.01 -9.47 -12.16
C ASP A 339 9.55 -9.83 -11.86
N HIS A 340 9.33 -10.85 -11.03
CA HIS A 340 8.00 -11.38 -10.83
C HIS A 340 7.01 -10.40 -10.17
N GLU A 341 7.51 -9.47 -9.37
CA GLU A 341 6.61 -8.50 -8.73
C GLU A 341 5.85 -7.67 -9.76
N THR A 342 6.44 -7.45 -10.93
CA THR A 342 5.80 -6.64 -11.96
C THR A 342 5.30 -7.49 -13.13
N LYS A 343 5.65 -8.78 -13.12
CA LYS A 343 5.27 -9.68 -14.20
C LYS A 343 4.32 -10.79 -13.76
N CYS A 344 4.12 -10.92 -12.44
CA CYS A 344 3.28 -11.98 -11.90
C CYS A 344 2.30 -11.45 -10.88
N PRO A 345 1.19 -12.17 -10.66
CA PRO A 345 0.21 -11.73 -9.65
C PRO A 345 0.79 -11.74 -8.24
N PRO A 346 0.26 -10.87 -7.37
CA PRO A 346 0.71 -10.87 -5.97
C PRO A 346 0.07 -12.02 -5.19
N ARG A 347 0.53 -12.21 -3.95
CA ARG A 347 0.03 -13.27 -3.09
C ARG A 347 -1.45 -13.07 -2.77
N GLU A 348 -1.84 -11.82 -2.53
CA GLU A 348 -3.17 -11.52 -2.03
C GLU A 348 -4.21 -11.43 -3.14
N PRO A 349 -5.44 -11.89 -2.87
CA PRO A 349 -6.54 -11.55 -3.77
C PRO A 349 -6.80 -10.06 -3.78
N LEU A 350 -7.58 -9.58 -4.74
CA LEU A 350 -7.91 -8.16 -4.84
C LEU A 350 -9.33 -7.91 -4.36
N LYS A 351 -9.47 -7.19 -3.26
CA LYS A 351 -10.78 -6.92 -2.69
C LYS A 351 -11.48 -5.78 -3.42
N ASN A 352 -12.80 -5.91 -3.54
CA ASN A 352 -13.66 -4.87 -4.06
C ASN A 352 -13.38 -4.46 -5.49
N VAL A 353 -12.93 -5.41 -6.32
CA VAL A 353 -12.77 -5.14 -7.75
C VAL A 353 -13.22 -6.32 -8.61
N ARG A 354 -13.50 -6.02 -9.88
CA ARG A 354 -13.95 -7.00 -10.86
C ARG A 354 -13.05 -6.96 -12.08
N TRP A 355 -12.64 -8.13 -12.56
CA TRP A 355 -11.83 -8.22 -13.78
C TRP A 355 -12.58 -7.66 -14.98
N GLY A 356 -11.88 -6.90 -15.82
CA GLY A 356 -12.49 -6.33 -17.00
C GLY A 356 -11.52 -6.09 -18.14
N VAL A 357 -12.07 -5.65 -19.27
CA VAL A 357 -11.27 -5.20 -20.41
C VAL A 357 -11.65 -3.75 -20.69
N VAL A 358 -10.77 -3.04 -21.39
CA VAL A 358 -10.99 -1.63 -21.64
C VAL A 358 -12.14 -1.42 -22.63
N SER A 359 -12.94 -0.39 -22.38
CA SER A 359 -14.04 -0.04 -23.25
C SER A 359 -14.03 1.47 -23.49
N LYS A 360 -14.05 1.85 -24.76
CA LYS A 360 -14.04 3.25 -25.16
C LYS A 360 -12.88 4.02 -24.53
N GLY A 361 -11.72 3.38 -24.50
CA GLY A 361 -10.48 4.07 -24.18
C GLY A 361 -10.17 4.31 -22.71
N LYS A 362 -11.16 4.72 -21.94
CA LYS A 362 -10.95 5.10 -20.55
C LYS A 362 -11.99 4.52 -19.60
N TYR A 363 -12.74 3.52 -20.07
CA TYR A 363 -13.69 2.83 -19.22
C TYR A 363 -13.43 1.33 -19.25
N CYS A 364 -14.15 0.61 -18.39
CA CYS A 364 -13.92 -0.81 -18.22
C CYS A 364 -15.25 -1.56 -18.23
N LYS A 365 -15.27 -2.70 -18.92
CA LYS A 365 -16.44 -3.59 -18.93
C LYS A 365 -16.01 -4.97 -18.45
N PRO A 366 -16.92 -5.67 -17.75
CA PRO A 366 -16.56 -7.00 -17.23
C PRO A 366 -16.26 -7.97 -18.36
N MET A 367 -15.40 -8.94 -18.10
CA MET A 367 -15.05 -9.94 -19.10
C MET A 367 -16.19 -10.94 -19.21
N ASN A 368 -16.17 -11.76 -20.26
CA ASN A 368 -17.21 -12.77 -20.47
C ASN A 368 -16.91 -14.05 -19.70
N ALA A 369 -17.74 -14.34 -18.70
CA ALA A 369 -17.60 -15.56 -17.91
C ALA A 369 -17.74 -16.79 -18.80
N ARG A 370 -16.77 -17.69 -18.71
CA ARG A 370 -16.81 -18.95 -19.45
C ARG A 370 -17.56 -19.99 -18.63
N ALA A 371 -17.63 -19.76 -17.34
CA ALA A 371 -18.31 -20.68 -16.43
C ALA A 371 -18.55 -19.97 -15.11
N SER A 372 -19.48 -20.51 -14.32
CA SER A 372 -19.79 -19.93 -13.02
C SER A 372 -20.22 -21.00 -12.02
N LEU A 373 -19.92 -20.73 -10.76
CA LEU A 373 -20.27 -21.62 -9.66
C LEU A 373 -21.13 -20.88 -8.67
N SER A 374 -22.32 -21.42 -8.40
CA SER A 374 -23.28 -20.77 -7.51
C SER A 374 -23.12 -21.17 -6.06
N ASN A 375 -23.49 -20.26 -5.17
CA ASN A 375 -23.54 -20.55 -3.75
C ASN A 375 -22.19 -21.03 -3.18
N ALA A 376 -21.12 -20.37 -3.60
CA ALA A 376 -19.78 -20.73 -3.14
C ALA A 376 -19.23 -19.67 -2.19
N THR A 377 -18.14 -19.99 -1.51
CA THR A 377 -17.41 -19.02 -0.71
C THR A 377 -16.28 -18.42 -1.56
N ALA A 378 -15.65 -17.37 -1.05
CA ALA A 378 -14.52 -16.76 -1.74
C ALA A 378 -13.37 -17.75 -1.84
N GLU A 379 -13.06 -18.41 -0.73
CA GLU A 379 -12.04 -19.46 -0.70
C GLU A 379 -12.34 -20.52 -1.76
N GLN A 380 -13.60 -20.97 -1.78
CA GLN A 380 -14.02 -21.96 -2.77
C GLN A 380 -13.75 -21.49 -4.18
N CYS A 381 -14.04 -20.22 -4.45
CA CYS A 381 -13.86 -19.65 -5.78
C CYS A 381 -12.41 -19.69 -6.21
N GLY A 382 -11.51 -19.29 -5.30
CA GLY A 382 -10.09 -19.30 -5.59
C GLY A 382 -9.57 -20.71 -5.78
N GLN A 383 -10.07 -21.63 -4.96
CA GLN A 383 -9.68 -23.03 -5.05
C GLN A 383 -10.05 -23.64 -6.40
N ARG A 384 -11.27 -23.38 -6.85
CA ARG A 384 -11.73 -23.97 -8.10
C ARG A 384 -11.03 -23.35 -9.29
N LEU A 385 -10.74 -22.05 -9.22
CA LEU A 385 -10.00 -21.39 -10.29
C LEU A 385 -8.67 -22.09 -10.52
N PHE A 386 -7.94 -22.34 -9.43
CA PHE A 386 -6.66 -23.03 -9.47
C PHE A 386 -6.78 -24.38 -10.17
N MET A 387 -7.81 -25.14 -9.80
CA MET A 387 -8.02 -26.47 -10.37
C MET A 387 -8.38 -26.43 -11.85
N LEU A 388 -8.94 -25.32 -12.29
CA LEU A 388 -9.38 -25.19 -13.67
C LEU A 388 -8.40 -24.40 -14.53
N SER A 389 -7.23 -24.10 -13.98
CA SER A 389 -6.27 -23.23 -14.65
C SER A 389 -5.59 -23.93 -15.83
N SER A 390 -4.40 -24.47 -15.60
CA SER A 390 -3.68 -25.16 -16.65
C SER A 390 -2.76 -26.20 -16.05
N ALA A 391 -2.37 -27.18 -16.87
CA ALA A 391 -1.57 -28.30 -16.40
C ALA A 391 -0.73 -28.91 -17.52
N ASP A 392 0.52 -29.20 -17.21
CA ASP A 392 1.39 -29.92 -18.12
C ASP A 392 1.26 -31.41 -17.81
N GLY A 393 1.95 -32.25 -18.59
CA GLY A 393 1.72 -33.68 -18.51
C GLY A 393 0.62 -34.04 -19.49
N SER A 394 0.29 -35.32 -19.58
CA SER A 394 -0.61 -35.80 -20.63
C SER A 394 -2.02 -36.14 -20.16
N SER A 395 -2.23 -36.16 -18.84
CA SER A 395 -3.45 -36.74 -18.28
C SER A 395 -4.44 -35.73 -17.67
N LEU A 396 -3.97 -34.53 -17.34
CA LEU A 396 -4.80 -33.59 -16.59
C LEU A 396 -5.62 -32.65 -17.48
N SER A 397 -5.50 -32.80 -18.79
CA SER A 397 -6.21 -31.92 -19.73
C SER A 397 -7.73 -32.00 -19.56
N SER A 398 -8.20 -33.09 -18.96
CA SER A 398 -9.62 -33.29 -18.77
C SER A 398 -10.16 -32.46 -17.60
N GLN A 399 -9.26 -32.03 -16.71
CA GLN A 399 -9.66 -31.24 -15.54
C GLN A 399 -9.58 -29.73 -15.80
N VAL A 400 -8.45 -29.28 -16.35
CA VAL A 400 -8.22 -27.86 -16.56
C VAL A 400 -9.05 -27.32 -17.72
N ARG A 401 -9.28 -26.01 -17.72
CA ARG A 401 -10.13 -25.37 -18.72
C ARG A 401 -9.45 -24.13 -19.33
N GLY A 402 -8.36 -23.68 -18.71
CA GLY A 402 -7.66 -22.50 -19.17
C GLY A 402 -8.09 -21.24 -18.44
N TYR A 403 -8.71 -21.41 -17.29
CA TYR A 403 -9.19 -20.27 -16.49
C TYR A 403 -8.12 -19.75 -15.53
N HIS A 404 -7.70 -18.51 -15.71
CA HIS A 404 -6.64 -17.94 -14.85
C HIS A 404 -7.11 -16.77 -14.01
N TRP A 405 -8.34 -16.32 -14.24
CA TRP A 405 -8.90 -15.19 -13.49
C TRP A 405 -10.33 -15.48 -13.08
N ALA A 406 -10.70 -15.06 -11.88
CA ALA A 406 -12.06 -15.25 -11.39
C ALA A 406 -12.54 -14.05 -10.58
N THR A 407 -13.81 -13.71 -10.77
CA THR A 407 -14.48 -12.71 -9.95
C THR A 407 -15.52 -13.39 -9.08
N PHE A 408 -15.40 -13.19 -7.77
CA PHE A 408 -16.39 -13.66 -6.81
C PHE A 408 -17.34 -12.52 -6.46
N VAL A 409 -18.64 -12.77 -6.54
CA VAL A 409 -19.65 -11.77 -6.23
C VAL A 409 -20.45 -12.20 -5.00
N ALA A 410 -20.21 -11.54 -3.88
CA ALA A 410 -20.94 -11.83 -2.64
C ALA A 410 -22.40 -11.41 -2.80
N THR A 411 -23.30 -12.18 -2.19
CA THR A 411 -24.73 -11.91 -2.31
C THR A 411 -25.11 -10.62 -1.61
N ASP A 412 -24.53 -10.39 -0.43
CA ASP A 412 -24.80 -9.18 0.32
C ASP A 412 -23.76 -8.95 1.39
N CYS A 413 -22.49 -9.12 1.02
CA CYS A 413 -21.37 -8.82 1.90
C CYS A 413 -20.36 -7.94 1.18
N ASN A 414 -19.83 -6.95 1.90
CA ASN A 414 -18.71 -6.18 1.37
C ASN A 414 -17.42 -6.94 1.62
N MET A 415 -16.74 -7.33 0.56
CA MET A 415 -15.64 -8.27 0.65
C MET A 415 -14.36 -7.67 1.23
N GLY A 416 -14.42 -6.40 1.63
CA GLY A 416 -13.31 -5.78 2.35
C GLY A 416 -13.49 -5.85 3.86
N GLU A 417 -14.65 -6.34 4.30
CA GLU A 417 -15.01 -6.37 5.71
C GLU A 417 -14.78 -7.74 6.34
N SER A 418 -15.11 -7.85 7.63
CA SER A 418 -14.92 -9.08 8.38
C SER A 418 -15.77 -10.21 7.83
N CYS A 419 -16.91 -9.86 7.24
CA CYS A 419 -17.85 -10.85 6.72
C CYS A 419 -17.28 -11.63 5.52
N ALA A 420 -16.16 -11.15 4.98
CA ALA A 420 -15.58 -11.73 3.76
C ALA A 420 -15.28 -13.21 3.91
N ALA A 421 -14.86 -13.61 5.10
CA ALA A 421 -14.45 -14.99 5.35
C ALA A 421 -15.56 -16.00 5.08
N THR A 422 -16.76 -15.69 5.55
CA THR A 422 -17.87 -16.64 5.51
C THR A 422 -18.91 -16.32 4.43
N ALA A 423 -18.74 -15.19 3.75
CA ALA A 423 -19.71 -14.74 2.75
C ALA A 423 -19.88 -15.76 1.64
N ARG A 424 -21.12 -15.92 1.18
CA ARG A 424 -21.42 -16.80 0.05
C ARG A 424 -21.88 -16.00 -1.15
N GLY A 425 -21.75 -16.58 -2.33
CA GLY A 425 -22.15 -15.91 -3.55
C GLY A 425 -21.78 -16.69 -4.79
N LYS A 426 -21.65 -15.97 -5.91
CA LYS A 426 -21.41 -16.57 -7.21
C LYS A 426 -20.00 -16.31 -7.70
N CYS A 427 -19.33 -17.35 -8.19
CA CYS A 427 -17.99 -17.26 -8.74
C CYS A 427 -18.05 -17.26 -10.26
N PHE A 428 -17.34 -16.33 -10.89
CA PHE A 428 -17.27 -16.24 -12.36
C PHE A 428 -15.85 -16.54 -12.86
N PHE A 429 -15.72 -17.43 -13.84
CA PHE A 429 -14.41 -17.84 -14.34
C PHE A 429 -14.15 -17.33 -15.76
N TYR A 430 -12.92 -16.88 -15.99
CA TYR A 430 -12.56 -16.28 -17.26
C TYR A 430 -11.30 -16.88 -17.89
N SER A 431 -11.25 -16.85 -19.21
CA SER A 431 -10.06 -17.23 -19.97
C SER A 431 -9.49 -16.03 -20.73
N THR A 432 -10.03 -14.85 -20.47
CA THR A 432 -9.61 -13.63 -21.16
C THR A 432 -8.59 -12.86 -20.32
N VAL A 433 -7.54 -12.37 -20.98
CA VAL A 433 -6.52 -11.57 -20.29
C VAL A 433 -7.13 -10.24 -19.87
N PRO A 434 -7.15 -9.95 -18.56
CA PRO A 434 -7.75 -8.70 -18.09
C PRO A 434 -6.92 -7.45 -18.40
N GLU A 435 -7.60 -6.34 -18.64
CA GLU A 435 -6.93 -5.10 -19.04
C GLU A 435 -7.21 -3.96 -18.06
N CYS A 436 -8.19 -4.17 -17.19
CA CYS A 436 -8.59 -3.15 -16.24
C CYS A 436 -9.46 -3.76 -15.14
N LEU A 437 -9.79 -2.96 -14.15
CA LEU A 437 -10.59 -3.39 -13.01
C LEU A 437 -11.75 -2.43 -12.74
N ILE A 438 -12.86 -2.98 -12.26
CA ILE A 438 -14.04 -2.20 -11.91
C ILE A 438 -14.31 -2.32 -10.42
N HIS A 439 -14.45 -1.19 -9.74
CA HIS A 439 -14.74 -1.22 -8.32
C HIS A 439 -16.15 -1.71 -8.02
N SER A 440 -16.27 -2.50 -6.97
CA SER A 440 -17.56 -2.92 -6.46
C SER A 440 -17.45 -3.20 -4.96
N PRO A 441 -18.49 -2.88 -4.19
CA PRO A 441 -18.41 -3.19 -2.76
C PRO A 441 -18.42 -4.69 -2.45
N THR A 442 -19.05 -5.48 -3.31
CA THR A 442 -19.37 -6.87 -2.98
C THR A 442 -18.55 -7.92 -3.71
N THR A 443 -17.43 -7.52 -4.33
CA THR A 443 -16.65 -8.44 -5.16
C THR A 443 -15.18 -8.63 -4.73
N MET A 444 -14.61 -9.73 -5.19
CA MET A 444 -13.19 -10.04 -4.97
C MET A 444 -12.62 -10.74 -6.21
N ALA A 445 -11.40 -10.37 -6.58
CA ALA A 445 -10.78 -10.87 -7.79
C ALA A 445 -9.63 -11.84 -7.49
N PHE A 446 -9.66 -13.01 -8.12
CA PHE A 446 -8.65 -14.05 -7.93
C PHE A 446 -7.89 -14.35 -9.22
N THR A 447 -6.64 -14.78 -9.09
CA THR A 447 -5.95 -15.44 -10.19
C THR A 447 -5.55 -16.87 -9.77
N SER A 448 -5.18 -17.68 -10.75
CA SER A 448 -4.79 -19.05 -10.49
C SER A 448 -3.47 -19.15 -9.71
N LEU A 449 -2.75 -18.03 -9.61
CA LEU A 449 -1.50 -18.00 -8.85
C LEU A 449 -1.66 -17.35 -7.48
N SER A 450 -2.87 -16.88 -7.18
CA SER A 450 -3.15 -16.18 -5.93
C SER A 450 -3.42 -17.14 -4.77
N ALA A 451 -3.10 -16.71 -3.55
CA ALA A 451 -3.60 -17.38 -2.36
C ALA A 451 -5.11 -17.20 -2.32
N VAL A 452 -5.81 -18.03 -1.53
CA VAL A 452 -7.27 -18.08 -1.60
C VAL A 452 -7.95 -17.68 -0.31
N ASP A 453 -7.19 -17.12 0.64
CA ASP A 453 -7.77 -16.59 1.86
C ASP A 453 -8.32 -15.18 1.62
N PRO A 454 -9.65 -15.01 1.61
CA PRO A 454 -10.17 -13.69 1.26
C PRO A 454 -9.84 -12.61 2.29
N SER A 455 -9.50 -13.03 3.50
CA SER A 455 -9.30 -12.07 4.58
C SER A 455 -7.98 -11.30 4.46
N ILE A 456 -7.08 -11.76 3.58
CA ILE A 456 -5.82 -11.04 3.36
C ILE A 456 -5.84 -10.20 2.08
N ALA A 457 -7.01 -10.07 1.48
CA ALA A 457 -7.15 -9.36 0.20
C ALA A 457 -6.69 -7.90 0.30
N ILE A 458 -6.15 -7.37 -0.80
CA ILE A 458 -5.66 -6.01 -0.84
C ILE A 458 -6.29 -5.22 -1.98
N ASP A 459 -6.09 -3.91 -1.97
CA ASP A 459 -6.50 -3.06 -3.08
C ASP A 459 -5.47 -3.12 -4.20
N PRO A 460 -5.92 -3.09 -5.46
CA PRO A 460 -4.95 -2.98 -6.55
C PRO A 460 -4.41 -1.56 -6.62
N ASP A 461 -3.42 -1.30 -7.47
CA ASP A 461 -3.02 0.06 -7.72
C ASP A 461 -4.18 0.74 -8.45
N SER A 462 -4.49 1.97 -8.05
CA SER A 462 -5.66 2.66 -8.59
C SER A 462 -5.57 2.87 -10.10
N ILE A 463 -4.37 2.83 -10.66
CA ILE A 463 -4.18 3.02 -12.09
C ILE A 463 -4.96 1.97 -12.90
N ALA A 464 -5.19 0.81 -12.29
CA ALA A 464 -5.88 -0.28 -12.96
C ALA A 464 -7.41 -0.12 -12.94
N VAL A 465 -7.89 0.66 -11.98
CA VAL A 465 -9.34 0.78 -11.76
C VAL A 465 -9.93 1.93 -12.58
N LEU A 466 -10.87 1.58 -13.44
CA LEU A 466 -11.58 2.55 -14.28
C LEU A 466 -13.07 2.52 -13.97
N PRO A 467 -13.76 3.65 -14.22
CA PRO A 467 -15.23 3.64 -14.10
C PRO A 467 -15.84 2.66 -15.08
N GLU A 468 -16.94 2.00 -14.69
CA GLU A 468 -17.57 1.03 -15.58
C GLU A 468 -18.22 1.73 -16.76
N ASP A 469 -18.13 1.11 -17.92
CA ASP A 469 -18.86 1.57 -19.10
C ASP A 469 -20.27 0.99 -19.05
N LYS A 470 -21.19 1.75 -18.48
CA LYS A 470 -22.59 1.30 -18.38
C LYS A 470 -23.37 1.64 -19.65
N CYS A 471 -22.67 2.16 -20.66
CA CYS A 471 -23.29 2.53 -21.93
C CYS A 471 -22.97 1.53 -23.03
N VAL A 472 -22.50 0.35 -22.65
CA VAL A 472 -22.26 -0.73 -23.61
C VAL A 472 -23.61 -1.12 -24.22
N SER A 473 -23.64 -1.20 -25.54
CA SER A 473 -24.87 -1.52 -26.28
C SER A 473 -26.04 -0.61 -25.88
N VAL A 474 -25.77 0.70 -25.89
CA VAL A 474 -26.82 1.71 -25.69
C VAL A 474 -26.69 2.76 -26.78
N ASP A 475 -27.71 2.84 -27.64
CA ASP A 475 -27.74 3.77 -28.76
C ASP A 475 -28.77 4.87 -28.52
N CYS A 476 -28.29 6.06 -28.17
CA CYS A 476 -29.17 7.17 -27.79
C CYS A 476 -29.70 7.96 -28.98
N GLY A 477 -29.32 7.54 -30.18
CA GLY A 477 -29.80 8.19 -31.39
C GLY A 477 -29.10 9.51 -31.68
N ALA A 478 -29.72 10.31 -32.54
CA ALA A 478 -29.11 11.55 -33.00
C ALA A 478 -29.38 12.72 -32.07
N HIS A 479 -30.25 12.52 -31.08
CA HIS A 479 -30.66 13.60 -30.18
C HIS A 479 -30.38 13.27 -28.72
N GLY A 480 -29.32 12.51 -28.47
CA GLY A 480 -28.94 12.16 -27.11
C GLY A 480 -27.61 11.45 -27.03
N THR A 481 -27.02 11.44 -25.84
CA THR A 481 -25.76 10.75 -25.60
C THR A 481 -25.84 10.02 -24.26
N CYS A 482 -25.31 8.79 -24.24
CA CYS A 482 -25.37 7.97 -23.04
C CYS A 482 -24.41 8.50 -21.99
N ASP A 483 -24.95 8.79 -20.81
CA ASP A 483 -24.13 9.19 -19.67
C ASP A 483 -23.56 7.92 -19.03
N VAL A 484 -22.23 7.84 -19.02
CA VAL A 484 -21.54 6.62 -18.62
C VAL A 484 -21.63 6.41 -17.10
N ALA A 485 -22.00 7.47 -16.38
CA ALA A 485 -22.10 7.39 -14.91
C ALA A 485 -23.38 6.69 -14.47
N THR A 486 -24.37 6.70 -15.35
CA THR A 486 -25.71 6.19 -15.03
C THR A 486 -26.15 5.10 -16.01
N GLY A 487 -25.61 5.15 -17.23
CA GLY A 487 -25.94 4.18 -18.25
C GLY A 487 -27.25 4.49 -18.97
N LYS A 488 -27.75 5.72 -18.76
CA LYS A 488 -28.98 6.16 -19.38
C LYS A 488 -28.71 7.29 -20.36
N CYS A 489 -29.61 7.47 -21.31
CA CYS A 489 -29.46 8.50 -22.33
C CYS A 489 -29.81 9.89 -21.78
N VAL A 490 -28.98 10.87 -22.13
CA VAL A 490 -29.26 12.27 -21.84
C VAL A 490 -29.63 12.94 -23.15
N CYS A 491 -30.85 13.44 -23.23
CA CYS A 491 -31.41 13.93 -24.50
C CYS A 491 -31.12 15.40 -24.76
N GLU A 492 -31.00 15.75 -26.04
CA GLU A 492 -30.93 17.15 -26.44
C GLU A 492 -32.19 17.87 -26.00
N PRO A 493 -32.15 19.21 -25.93
CA PRO A 493 -33.34 19.96 -25.55
C PRO A 493 -34.49 19.75 -26.52
N GLY A 494 -35.70 19.56 -26.00
CA GLY A 494 -36.87 19.34 -26.83
C GLY A 494 -37.08 17.89 -27.21
N PHE A 495 -36.25 17.00 -26.65
CA PHE A 495 -36.36 15.57 -26.89
C PHE A 495 -36.40 14.82 -25.57
N THR A 496 -37.00 13.63 -25.58
CA THR A 496 -37.12 12.82 -24.38
C THR A 496 -37.32 11.36 -24.75
N GLY A 497 -37.52 10.52 -23.74
CA GLY A 497 -37.66 9.08 -23.94
C GLY A 497 -36.35 8.37 -23.66
N GLU A 498 -36.42 7.06 -23.46
CA GLU A 498 -35.24 6.27 -23.10
C GLU A 498 -34.16 6.34 -24.17
N ARG A 499 -34.56 6.56 -25.41
CA ARG A 499 -33.63 6.64 -26.53
C ARG A 499 -33.76 7.97 -27.27
N CYS A 500 -34.32 8.96 -26.60
CA CYS A 500 -34.33 10.35 -27.08
C CYS A 500 -34.90 10.50 -28.49
N ASP A 501 -36.01 9.82 -28.77
CA ASP A 501 -36.62 9.86 -30.10
C ASP A 501 -38.07 10.36 -30.05
N ALA A 502 -38.49 10.78 -28.86
CA ALA A 502 -39.81 11.41 -28.69
C ALA A 502 -39.65 12.90 -28.40
N ALA A 503 -40.55 13.69 -28.96
CA ALA A 503 -40.53 15.13 -28.73
C ALA A 503 -41.08 15.46 -27.36
N ALA A 504 -40.29 16.19 -26.57
CA ALA A 504 -40.73 16.59 -25.23
C ALA A 504 -41.69 17.76 -25.34
N LEU A 505 -42.94 17.52 -24.98
CA LEU A 505 -43.99 18.52 -25.10
C LEU A 505 -44.13 19.33 -23.82
N VAL A 506 -44.53 20.59 -23.98
CA VAL A 506 -44.65 21.53 -22.86
C VAL A 506 -46.12 21.81 -22.59
N PRO A 507 -46.52 21.86 -21.31
CA PRO A 507 -47.91 22.23 -20.99
C PRO A 507 -48.16 23.73 -21.16
N SER B 7 3.54 -10.16 5.80
CA SER B 7 2.26 -9.79 6.42
C SER B 7 2.47 -8.71 7.47
N THR B 8 3.30 -9.01 8.46
CA THR B 8 3.62 -8.05 9.51
C THR B 8 4.44 -6.89 8.94
N SER B 9 5.24 -7.17 7.92
CA SER B 9 6.09 -6.17 7.31
C SER B 9 5.32 -5.36 6.27
N THR B 10 4.41 -6.01 5.55
CA THR B 10 3.56 -5.31 4.61
C THR B 10 2.56 -4.45 5.36
N SER B 11 2.05 -4.98 6.47
CA SER B 11 1.14 -4.24 7.33
C SER B 11 1.87 -3.09 7.99
N ARG B 12 3.12 -3.31 8.36
CA ARG B 12 3.96 -2.26 8.90
C ARG B 12 4.13 -1.15 7.87
N ALA B 13 4.56 -1.53 6.67
CA ALA B 13 4.82 -0.58 5.61
C ALA B 13 3.55 0.15 5.21
N THR B 14 2.44 -0.57 5.18
CA THR B 14 1.15 0.01 4.81
C THR B 14 0.70 0.99 5.87
N TYR B 15 0.88 0.61 7.13
CA TYR B 15 0.54 1.49 8.24
C TYR B 15 1.40 2.75 8.21
N MET B 16 2.71 2.58 8.10
CA MET B 16 3.63 3.70 8.18
C MET B 16 3.49 4.66 6.99
N ASP B 17 2.81 4.21 5.94
CA ASP B 17 2.59 5.02 4.75
C ASP B 17 1.91 6.34 5.10
N ARG B 18 1.05 6.31 6.11
CA ARG B 18 0.32 7.50 6.53
C ARG B 18 1.23 8.61 7.05
N PHE B 19 2.51 8.31 7.26
CA PHE B 19 3.45 9.31 7.76
C PHE B 19 4.38 9.84 6.66
N ASN B 20 4.19 9.34 5.44
CA ASN B 20 4.99 9.81 4.31
C ASN B 20 4.39 11.07 3.72
N ILE B 21 4.60 12.18 4.42
CA ILE B 21 3.93 13.44 4.13
C ILE B 21 4.27 14.00 2.75
N PRO B 22 5.55 13.98 2.34
CA PRO B 22 5.85 14.54 1.01
C PRO B 22 5.19 13.76 -0.12
N LYS B 23 5.03 12.44 0.06
CA LYS B 23 4.42 11.62 -0.97
C LYS B 23 2.89 11.76 -1.00
N ASN B 24 2.31 11.99 0.18
CA ASN B 24 0.85 11.92 0.32
C ASN B 24 0.15 13.26 0.52
N HIS B 25 0.88 14.28 0.94
CA HIS B 25 0.33 15.63 1.05
C HIS B 25 0.37 16.27 -0.33
N VAL B 26 -0.55 15.85 -1.18
CA VAL B 26 -0.49 16.18 -2.60
C VAL B 26 -1.47 17.27 -2.99
N ASP B 27 -1.26 17.83 -4.18
CA ASP B 27 -2.20 18.76 -4.79
C ASP B 27 -3.09 17.99 -5.74
N LEU B 28 -4.35 17.85 -5.38
CA LEU B 28 -5.29 17.14 -6.24
C LEU B 28 -6.44 18.03 -6.67
N ILE B 29 -7.09 17.63 -7.76
CA ILE B 29 -8.30 18.27 -8.22
C ILE B 29 -9.31 17.18 -8.57
N TRP B 30 -10.59 17.49 -8.43
CA TRP B 30 -11.64 16.51 -8.67
C TRP B 30 -11.94 16.40 -10.15
N ASP B 31 -11.92 15.17 -10.66
CA ASP B 31 -12.25 14.90 -12.06
C ASP B 31 -12.69 13.46 -12.22
N LYS B 32 -13.82 13.25 -12.90
CA LYS B 32 -14.40 11.91 -13.03
C LYS B 32 -13.60 11.02 -13.98
N ASP B 33 -12.57 11.59 -14.61
CA ASP B 33 -11.65 10.82 -15.44
C ASP B 33 -10.23 10.89 -14.89
N GLY B 34 -10.11 11.20 -13.61
CA GLY B 34 -8.82 11.17 -12.94
C GLY B 34 -8.38 9.73 -12.74
N THR B 35 -7.08 9.51 -12.62
CA THR B 35 -6.55 8.17 -12.51
C THR B 35 -6.59 7.64 -11.07
N LYS B 36 -6.70 8.55 -10.10
CA LYS B 36 -6.72 8.18 -8.69
C LYS B 36 -8.15 8.02 -8.22
N SER B 37 -8.39 7.05 -7.35
CA SER B 37 -9.73 6.83 -6.81
C SER B 37 -9.70 6.21 -5.42
N HIS B 38 -10.78 6.43 -4.68
CA HIS B 38 -10.94 5.82 -3.37
C HIS B 38 -12.42 5.83 -2.99
N THR B 39 -12.87 4.77 -2.35
CA THR B 39 -14.24 4.65 -1.89
C THR B 39 -14.30 4.88 -0.39
N ARG B 40 -15.02 5.92 0.01
CA ARG B 40 -15.22 6.24 1.42
C ARG B 40 -16.70 6.08 1.74
N GLY B 41 -17.02 5.08 2.56
CA GLY B 41 -18.41 4.74 2.81
C GLY B 41 -19.03 4.17 1.55
N ASN B 42 -20.09 4.81 1.07
CA ASN B 42 -20.79 4.39 -0.14
C ASN B 42 -20.38 5.15 -1.39
N THR B 43 -19.45 6.10 -1.22
CA THR B 43 -19.13 7.04 -2.29
C THR B 43 -17.71 6.85 -2.83
N THR B 44 -17.61 6.70 -4.14
CA THR B 44 -16.32 6.59 -4.82
C THR B 44 -15.89 7.95 -5.33
N TYR B 45 -14.73 8.41 -4.87
CA TYR B 45 -14.17 9.68 -5.29
C TYR B 45 -13.09 9.43 -6.31
N ARG B 46 -12.95 10.34 -7.26
CA ARG B 46 -11.94 10.19 -8.31
C ARG B 46 -11.25 11.52 -8.53
N TRP B 47 -9.92 11.48 -8.64
CA TRP B 47 -9.17 12.71 -8.75
C TRP B 47 -7.88 12.58 -9.54
N THR B 48 -7.32 13.75 -9.85
CA THR B 48 -6.03 13.87 -10.50
C THR B 48 -5.03 14.43 -9.50
N GLU B 49 -3.88 13.77 -9.37
CA GLU B 49 -2.80 14.27 -8.54
C GLU B 49 -1.86 15.11 -9.41
N ARG B 50 -1.86 16.41 -9.20
CA ARG B 50 -1.10 17.33 -10.04
C ARG B 50 0.36 17.44 -9.60
N LYS B 51 0.58 17.29 -8.29
CA LYS B 51 1.93 17.23 -7.75
C LYS B 51 1.92 16.77 -6.29
N SER B 52 3.09 16.34 -5.82
CA SER B 52 3.25 15.92 -4.44
C SER B 52 4.07 16.97 -3.70
N ASN B 53 4.31 16.73 -2.40
CA ASN B 53 5.12 17.61 -1.59
C ASN B 53 4.59 19.05 -1.57
N VAL B 54 3.29 19.20 -1.32
CA VAL B 54 2.72 20.53 -1.15
C VAL B 54 3.21 21.07 0.19
N GLY B 55 3.39 22.39 0.28
CA GLY B 55 3.85 23.01 1.51
C GLY B 55 2.90 22.74 2.67
N VAL B 56 3.46 22.40 3.82
CA VAL B 56 2.68 22.09 5.01
C VAL B 56 2.40 23.36 5.81
N TYR B 57 3.47 24.11 6.08
CA TYR B 57 3.34 25.38 6.77
C TYR B 57 2.42 26.29 5.95
N VAL B 58 2.75 26.44 4.67
CA VAL B 58 1.95 27.21 3.73
C VAL B 58 1.86 26.40 2.44
N GLY B 59 0.64 26.06 2.03
CA GLY B 59 0.42 25.23 0.86
C GLY B 59 -0.36 25.94 -0.23
N TYR B 60 0.21 25.98 -1.43
CA TYR B 60 -0.37 26.67 -2.58
C TYR B 60 -0.29 25.85 -3.86
N SER B 61 -1.30 26.00 -4.71
CA SER B 61 -1.24 25.50 -6.08
C SER B 61 -2.04 26.45 -6.97
N GLU B 62 -1.79 26.37 -8.28
CA GLU B 62 -2.50 27.19 -9.26
C GLU B 62 -4.01 27.03 -9.13
N MET B 63 -4.72 28.15 -9.02
CA MET B 63 -6.18 28.12 -8.97
C MET B 63 -6.70 27.33 -10.16
N TYR B 64 -7.63 26.42 -9.87
CA TYR B 64 -8.16 25.51 -10.87
C TYR B 64 -9.66 25.68 -10.96
N ASP B 65 -10.13 26.09 -12.13
CA ASP B 65 -11.56 26.27 -12.36
C ASP B 65 -12.00 25.52 -13.60
N SER B 66 -12.74 24.44 -13.37
CA SER B 66 -13.24 23.60 -14.46
C SER B 66 -14.74 23.78 -14.63
N SER B 67 -15.25 24.94 -14.24
CA SER B 67 -16.65 25.27 -14.48
C SER B 67 -16.75 25.77 -15.91
N ALA B 68 -17.98 25.80 -16.44
CA ALA B 68 -18.18 26.14 -17.84
C ALA B 68 -17.60 27.54 -18.14
N GLN B 69 -17.77 28.45 -17.21
CA GLN B 69 -17.28 29.81 -17.39
C GLN B 69 -15.79 29.96 -17.01
N ALA B 70 -15.35 29.18 -16.03
CA ALA B 70 -13.96 29.22 -15.56
C ALA B 70 -13.57 30.63 -15.11
N TYR B 71 -14.52 31.34 -14.51
CA TYR B 71 -14.29 32.73 -14.08
C TYR B 71 -13.04 32.89 -13.22
N CYS B 72 -12.84 32.00 -12.25
CA CYS B 72 -11.78 32.20 -11.28
C CYS B 72 -10.39 31.96 -11.87
N GLN B 73 -10.32 31.53 -13.12
CA GLN B 73 -9.05 31.43 -13.82
C GLN B 73 -8.92 32.50 -14.93
N SER B 74 -9.88 33.42 -14.98
CA SER B 74 -9.78 34.55 -15.91
C SER B 74 -8.88 35.64 -15.35
N SER B 75 -8.23 36.37 -16.23
CA SER B 75 -7.24 37.37 -15.81
C SER B 75 -7.87 38.54 -15.07
N SER B 76 -9.17 38.75 -15.24
CA SER B 76 -9.86 39.86 -14.60
C SER B 76 -10.37 39.49 -13.20
N ALA B 77 -10.37 38.21 -12.88
CA ALA B 77 -10.80 37.77 -11.56
C ALA B 77 -9.74 38.08 -10.51
N LYS B 78 -10.15 38.62 -9.38
CA LYS B 78 -9.24 38.85 -8.27
C LYS B 78 -9.17 37.62 -7.39
N ILE B 79 -7.96 37.30 -6.93
CA ILE B 79 -7.74 36.28 -5.93
C ILE B 79 -6.74 36.83 -4.92
N ASP B 80 -7.05 36.70 -3.64
CA ASP B 80 -6.27 37.36 -2.59
C ASP B 80 -4.78 37.03 -2.67
N THR B 81 -4.46 35.84 -3.15
CA THR B 81 -3.07 35.41 -3.27
C THR B 81 -2.30 36.16 -4.34
N LYS B 82 -3.00 36.75 -5.31
CA LYS B 82 -2.34 37.57 -6.32
C LYS B 82 -1.62 38.74 -5.66
N THR B 83 -2.25 39.30 -4.63
CA THR B 83 -1.68 40.44 -3.91
C THR B 83 -0.61 39.99 -2.92
N THR B 84 -0.87 38.92 -2.20
CA THR B 84 -0.02 38.53 -1.08
C THR B 84 1.15 37.66 -1.51
N VAL B 85 0.94 36.81 -2.50
CA VAL B 85 1.96 35.84 -2.92
C VAL B 85 2.50 36.16 -4.33
N GLY B 86 1.71 36.88 -5.12
CA GLY B 86 2.13 37.28 -6.45
C GLY B 86 1.69 36.33 -7.55
N ALA B 87 0.67 35.52 -7.27
CA ALA B 87 0.17 34.57 -8.24
C ALA B 87 -1.23 34.08 -7.86
N PRO B 88 -2.04 33.68 -8.85
CA PRO B 88 -3.38 33.16 -8.56
C PRO B 88 -3.33 31.74 -7.98
N TYR B 89 -3.11 31.65 -6.68
CA TYR B 89 -3.03 30.37 -5.97
C TYR B 89 -4.28 30.11 -5.14
N MET B 90 -4.71 28.85 -5.13
CA MET B 90 -5.67 28.38 -4.14
C MET B 90 -4.88 27.66 -3.04
N ALA B 91 -5.45 27.59 -1.84
CA ALA B 91 -4.85 26.86 -0.75
C ALA B 91 -4.85 25.37 -1.08
N ALA B 92 -3.73 24.70 -0.86
CA ALA B 92 -3.54 23.33 -1.33
C ALA B 92 -2.91 22.46 -0.25
N GLY B 93 -3.13 21.16 -0.34
CA GLY B 93 -2.63 20.21 0.62
C GLY B 93 -3.69 19.19 1.00
N ALA B 94 -3.51 17.96 0.53
CA ALA B 94 -4.52 16.91 0.65
C ALA B 94 -4.75 16.44 2.08
N CYS B 95 -3.74 16.58 2.94
CA CYS B 95 -3.86 16.10 4.32
C CYS B 95 -4.39 17.20 5.23
N PRO B 96 -5.34 16.86 6.10
CA PRO B 96 -5.77 17.84 7.11
C PRO B 96 -4.60 18.24 8.01
N ASN B 97 -4.46 19.53 8.26
CA ASN B 97 -3.37 20.04 9.08
C ASN B 97 -3.88 20.36 10.49
N TYR B 98 -3.63 19.45 11.43
CA TYR B 98 -4.18 19.56 12.78
C TYR B 98 -3.42 20.58 13.63
N GLY B 99 -4.16 21.51 14.22
CA GLY B 99 -3.59 22.53 15.06
C GLY B 99 -3.38 23.84 14.31
N LYS B 100 -3.30 23.76 12.98
CA LYS B 100 -2.95 24.91 12.16
C LYS B 100 -4.04 25.98 12.17
N VAL B 101 -3.67 27.17 12.62
CA VAL B 101 -4.58 28.31 12.69
C VAL B 101 -3.94 29.53 12.04
N ILE B 102 -4.72 30.28 11.29
CA ILE B 102 -4.23 31.49 10.65
C ILE B 102 -4.32 32.65 11.65
N ALA B 103 -3.17 33.05 12.18
CA ALA B 103 -3.13 34.07 13.23
C ALA B 103 -2.80 35.44 12.67
N PHE B 104 -3.53 36.44 13.15
CA PHE B 104 -3.22 37.84 12.85
C PHE B 104 -2.08 38.28 13.77
N THR B 105 -1.03 38.84 13.17
CA THR B 105 0.16 39.21 13.93
C THR B 105 0.68 40.58 13.52
N LYS B 106 1.79 40.99 14.13
CA LYS B 106 2.56 42.11 13.63
C LYS B 106 3.51 41.57 12.57
N ARG B 107 4.24 42.45 11.90
CA ARG B 107 5.07 42.06 10.78
C ARG B 107 6.15 41.06 11.19
N ASP B 108 6.59 41.12 12.44
CA ASP B 108 7.60 40.19 12.94
C ASP B 108 6.98 38.95 13.59
N GLY B 109 5.65 38.89 13.60
CA GLY B 109 4.94 37.73 14.10
C GLY B 109 4.52 37.82 15.56
N SER B 110 4.85 38.94 16.20
CA SER B 110 4.49 39.17 17.60
C SER B 110 3.04 39.61 17.75
N ARG B 111 2.57 39.65 18.99
CA ARG B 111 1.19 40.06 19.31
C ARG B 111 0.18 39.23 18.52
N SER B 112 0.41 37.94 18.45
CA SER B 112 -0.44 37.04 17.69
C SER B 112 -1.85 36.92 18.30
N ASP B 113 -2.86 36.97 17.43
CA ASP B 113 -4.26 36.77 17.81
C ASP B 113 -4.80 35.56 17.05
N MET B 114 -5.09 34.47 17.77
CA MET B 114 -5.45 33.21 17.13
C MET B 114 -6.95 32.94 17.06
N THR B 115 -7.76 33.96 17.36
CA THR B 115 -9.21 33.83 17.25
C THR B 115 -9.81 34.90 16.35
N ARG B 116 -8.98 35.86 15.96
CA ARG B 116 -9.39 36.94 15.06
C ARG B 116 -9.95 36.40 13.74
N TRP B 117 -9.40 35.28 13.27
CA TRP B 117 -9.79 34.74 11.96
C TRP B 117 -11.30 34.48 11.87
N LYS B 118 -11.95 34.30 13.01
CA LYS B 118 -13.37 33.96 13.05
C LYS B 118 -14.28 35.09 12.55
N ASN B 119 -13.76 36.32 12.52
CA ASN B 119 -14.53 37.44 11.96
C ASN B 119 -14.61 37.31 10.45
N GLU B 120 -15.70 37.79 9.86
CA GLU B 120 -15.86 37.67 8.42
C GLU B 120 -14.87 38.58 7.69
N ILE B 121 -14.68 38.30 6.40
CA ILE B 121 -13.77 39.05 5.56
C ILE B 121 -14.41 40.37 5.12
N HIS B 122 -13.58 41.28 4.64
CA HIS B 122 -14.04 42.51 4.02
C HIS B 122 -13.43 42.60 2.63
N ALA B 123 -13.98 41.81 1.71
CA ALA B 123 -13.44 41.73 0.35
C ALA B 123 -14.22 42.63 -0.62
N ASN B 124 -15.00 43.56 -0.07
CA ASN B 124 -15.81 44.47 -0.86
C ASN B 124 -16.70 43.73 -1.86
N VAL B 125 -17.63 42.96 -1.32
CA VAL B 125 -18.53 42.14 -2.12
C VAL B 125 -19.99 42.42 -1.77
N MET B 126 -20.27 42.61 -0.48
CA MET B 126 -21.64 42.76 0.00
C MET B 126 -21.94 44.23 0.34
N PRO B 127 -23.07 44.77 -0.15
CA PRO B 127 -24.08 44.12 -0.99
C PRO B 127 -23.64 43.95 -2.44
N HIS B 128 -23.98 42.81 -3.04
CA HIS B 128 -23.64 42.55 -4.43
C HIS B 128 -24.50 43.40 -5.36
N SER B 129 -25.73 43.66 -4.94
CA SER B 129 -26.65 44.47 -5.72
C SER B 129 -27.67 45.17 -4.82
N THR B 130 -27.84 46.47 -5.05
CA THR B 130 -28.87 47.26 -4.39
C THR B 130 -29.86 47.78 -5.43
N THR B 131 -30.02 47.02 -6.51
CA THR B 131 -31.04 47.29 -7.50
C THR B 131 -32.41 47.12 -6.86
N SER B 132 -33.35 48.01 -7.23
CA SER B 132 -34.71 47.95 -6.71
C SER B 132 -34.78 48.29 -5.22
N CYS B 133 -33.68 48.80 -4.67
CA CYS B 133 -33.68 49.31 -3.30
C CYS B 133 -33.95 50.80 -3.31
N ALA B 134 -34.58 51.30 -2.25
CA ALA B 134 -34.88 52.72 -2.13
C ALA B 134 -33.58 53.54 -2.19
N SER B 135 -32.70 53.28 -1.23
CA SER B 135 -31.37 53.89 -1.23
C SER B 135 -30.38 52.95 -1.91
N ARG B 136 -29.17 53.44 -2.17
CA ARG B 136 -28.15 52.67 -2.87
C ARG B 136 -26.84 52.61 -2.08
N ALA B 137 -26.01 51.62 -2.38
CA ALA B 137 -24.75 51.42 -1.69
C ALA B 137 -23.80 50.56 -2.53
N ASP B 138 -22.50 50.73 -2.28
CA ASP B 138 -21.46 49.97 -2.98
C ASP B 138 -21.10 48.68 -2.25
N PRO B 139 -20.52 47.71 -2.96
CA PRO B 139 -20.01 46.50 -2.31
C PRO B 139 -18.98 46.84 -1.23
N GLY B 140 -19.15 46.26 -0.05
CA GLY B 140 -18.26 46.52 1.08
C GLY B 140 -18.98 47.27 2.19
N ALA B 141 -20.09 47.92 1.85
CA ALA B 141 -20.81 48.76 2.80
C ALA B 141 -21.46 47.93 3.92
N ALA B 142 -21.90 46.72 3.60
CA ALA B 142 -22.62 45.87 4.55
C ALA B 142 -21.68 44.98 5.35
N GLU B 143 -20.40 44.97 4.97
CA GLU B 143 -19.43 44.06 5.55
C GLU B 143 -18.88 44.58 6.87
N VAL B 144 -18.29 43.69 7.65
CA VAL B 144 -17.66 44.08 8.91
C VAL B 144 -16.59 45.11 8.60
N ALA B 145 -16.36 46.03 9.53
CA ALA B 145 -15.35 47.06 9.34
C ALA B 145 -13.99 46.44 9.07
N LYS B 146 -13.27 47.02 8.11
CA LYS B 146 -11.94 46.55 7.75
C LYS B 146 -11.01 46.48 8.96
N SER B 147 -11.21 47.38 9.92
CA SER B 147 -10.37 47.43 11.11
C SER B 147 -10.47 46.15 11.95
N ILE B 148 -11.57 45.41 11.81
CA ILE B 148 -11.75 44.16 12.54
C ILE B 148 -11.92 42.95 11.61
N GLU B 149 -11.46 43.08 10.38
CA GLU B 149 -11.59 42.00 9.40
C GLU B 149 -10.97 40.70 9.91
N GLY B 150 -11.63 39.58 9.64
CA GLY B 150 -11.08 38.27 9.88
C GLY B 150 -10.88 37.52 8.58
N PHE B 151 -10.99 36.20 8.61
CA PHE B 151 -10.74 35.35 7.46
C PHE B 151 -11.94 34.51 7.05
N ALA B 152 -13.02 34.60 7.82
CA ALA B 152 -14.18 33.75 7.60
C ALA B 152 -15.01 34.22 6.43
N MET B 153 -15.45 33.28 5.60
CA MET B 153 -16.27 33.60 4.44
C MET B 153 -17.64 34.09 4.88
N TYR B 154 -18.29 34.89 4.04
CA TYR B 154 -19.60 35.42 4.33
C TYR B 154 -20.55 34.29 4.72
N ALA B 155 -21.47 34.59 5.63
CA ALA B 155 -22.33 33.56 6.22
C ALA B 155 -23.21 32.89 5.18
N GLY B 156 -23.64 33.66 4.20
CA GLY B 156 -24.49 33.16 3.14
C GLY B 156 -24.76 34.24 2.10
N TYR B 157 -25.49 33.89 1.06
CA TYR B 157 -25.86 34.84 0.01
C TYR B 157 -27.15 34.38 -0.64
N LEU B 158 -28.11 35.31 -0.71
CA LEU B 158 -29.47 35.03 -1.19
C LEU B 158 -30.19 34.09 -0.23
N THR B 159 -31.45 33.78 -0.53
CA THR B 159 -32.25 32.95 0.35
C THR B 159 -31.70 31.54 0.44
N HIS B 160 -31.29 30.99 -0.70
CA HIS B 160 -30.78 29.63 -0.75
C HIS B 160 -29.87 29.40 -1.95
N CYS B 161 -29.12 28.31 -1.91
CA CYS B 161 -28.23 27.90 -3.01
C CYS B 161 -28.54 26.46 -3.38
N PRO B 162 -28.77 26.17 -4.67
CA PRO B 162 -28.79 27.08 -5.81
C PRO B 162 -30.04 27.96 -5.79
N TYR B 163 -29.86 29.26 -6.04
CA TYR B 163 -30.96 30.22 -5.91
C TYR B 163 -32.12 29.90 -6.85
N ASN B 164 -31.80 29.49 -8.07
CA ASN B 164 -32.81 29.06 -9.03
C ASN B 164 -32.33 27.87 -9.84
N VAL B 165 -33.14 27.44 -10.80
CA VAL B 165 -32.86 26.24 -11.57
C VAL B 165 -31.67 26.44 -12.52
N ASN B 166 -31.53 27.64 -13.06
CA ASN B 166 -30.49 27.90 -14.04
C ASN B 166 -29.11 27.91 -13.39
N VAL B 167 -29.01 28.45 -12.19
CA VAL B 167 -27.77 28.43 -11.44
C VAL B 167 -27.28 26.99 -11.30
N TYR B 168 -28.20 26.08 -10.95
CA TYR B 168 -27.84 24.70 -10.74
C TYR B 168 -27.49 23.99 -12.05
N ARG B 169 -28.30 24.20 -13.07
CA ARG B 169 -28.18 23.44 -14.32
C ARG B 169 -27.10 24.01 -15.25
N GLN B 170 -26.81 25.30 -15.13
CA GLN B 170 -25.84 25.94 -16.03
C GLN B 170 -24.45 26.08 -15.39
N ASP B 171 -24.41 26.39 -14.10
CA ASP B 171 -23.15 26.72 -13.43
C ASP B 171 -22.57 25.56 -12.61
N MET B 172 -23.45 24.81 -11.95
CA MET B 172 -23.00 23.78 -11.00
C MET B 172 -22.85 22.41 -11.64
N VAL B 173 -23.92 21.86 -12.20
CA VAL B 173 -23.89 20.50 -12.74
C VAL B 173 -22.89 20.39 -13.89
N THR B 174 -22.63 21.49 -14.57
CA THR B 174 -21.68 21.52 -15.68
C THR B 174 -20.24 21.76 -15.22
N ASP B 175 -20.06 21.93 -13.91
CA ASP B 175 -18.73 22.08 -13.33
C ASP B 175 -18.12 20.69 -13.12
N LYS B 176 -16.94 20.47 -13.68
CA LYS B 176 -16.33 19.13 -13.66
C LYS B 176 -15.84 18.73 -12.27
N GLU B 177 -15.79 19.67 -11.34
CA GLU B 177 -15.45 19.35 -9.95
C GLU B 177 -16.70 19.13 -9.11
N PHE B 178 -17.86 19.44 -9.67
CA PHE B 178 -19.13 19.27 -8.97
C PHE B 178 -19.69 17.87 -9.21
N ASP B 179 -20.22 17.26 -8.14
CA ASP B 179 -20.88 15.96 -8.23
C ASP B 179 -22.19 16.00 -7.45
N SER B 180 -23.28 15.68 -8.13
CA SER B 180 -24.62 15.85 -7.56
C SER B 180 -24.88 14.94 -6.35
N THR B 181 -24.27 13.77 -6.33
CA THR B 181 -24.41 12.87 -5.18
C THR B 181 -23.61 13.38 -3.98
N VAL B 182 -22.35 13.73 -4.22
CA VAL B 182 -21.51 14.31 -3.17
C VAL B 182 -22.15 15.58 -2.62
N CYS B 183 -22.65 16.42 -3.53
CA CYS B 183 -23.21 17.71 -3.16
C CYS B 183 -24.74 17.68 -3.12
N ASN B 184 -25.30 16.58 -2.60
CA ASN B 184 -26.75 16.41 -2.63
C ASN B 184 -27.49 17.28 -1.61
N PHE B 185 -26.74 18.07 -0.84
CA PHE B 185 -27.32 19.00 0.12
C PHE B 185 -27.38 20.41 -0.46
N VAL B 186 -27.02 20.54 -1.73
CA VAL B 186 -27.05 21.83 -2.41
C VAL B 186 -27.42 21.59 -3.88
N THR B 187 -28.68 21.21 -4.09
CA THR B 187 -29.21 20.98 -5.42
C THR B 187 -30.56 21.68 -5.56
N GLU B 188 -31.13 21.66 -6.75
CA GLU B 188 -32.40 22.32 -7.00
C GLU B 188 -33.53 21.67 -6.21
N SER B 189 -33.43 20.36 -6.00
CA SER B 189 -34.44 19.61 -5.27
C SER B 189 -34.17 19.64 -3.75
N ASN B 190 -32.91 19.83 -3.39
CA ASN B 190 -32.52 19.93 -1.98
C ASN B 190 -31.51 21.06 -1.80
N PRO B 191 -31.99 22.31 -1.77
CA PRO B 191 -31.11 23.47 -1.68
C PRO B 191 -30.59 23.73 -0.26
N LEU B 192 -29.42 24.35 -0.18
CA LEU B 192 -28.87 24.80 1.09
C LEU B 192 -29.46 26.16 1.42
N ARG B 193 -30.09 26.27 2.59
CA ARG B 193 -30.90 27.44 2.91
C ARG B 193 -30.21 28.40 3.87
N PHE B 194 -30.14 29.67 3.45
CA PHE B 194 -29.60 30.75 4.26
C PHE B 194 -30.76 31.46 4.95
N LEU B 195 -31.75 31.85 4.15
CA LEU B 195 -32.98 32.44 4.64
C LEU B 195 -34.15 31.51 4.31
N ASP B 196 -34.53 30.68 5.26
CA ASP B 196 -35.51 29.62 5.02
C ASP B 196 -36.94 30.16 5.00
N THR B 197 -37.58 30.03 3.84
CA THR B 197 -38.95 30.48 3.65
C THR B 197 -39.91 29.30 3.50
N THR B 198 -39.84 28.37 4.46
CA THR B 198 -40.75 27.23 4.49
C THR B 198 -41.26 27.00 5.91
N GLN B 204 -40.71 38.06 11.07
CA GLN B 204 -40.10 37.90 9.75
C GLN B 204 -40.75 36.72 9.01
N PRO B 205 -40.72 36.75 7.67
CA PRO B 205 -41.25 35.63 6.87
C PRO B 205 -40.20 34.54 6.61
N TYR B 206 -39.21 34.42 7.50
CA TYR B 206 -38.16 33.42 7.34
C TYR B 206 -37.35 33.22 8.62
N THR B 207 -36.58 32.13 8.65
CA THR B 207 -35.66 31.84 9.74
C THR B 207 -34.21 31.88 9.24
N GLU B 208 -33.34 32.55 9.99
CA GLU B 208 -31.96 32.76 9.57
C GLU B 208 -31.05 31.58 9.93
N TYR B 209 -30.36 31.05 8.93
CA TYR B 209 -29.35 30.02 9.12
C TYR B 209 -28.02 30.49 8.51
N ALA B 210 -27.31 29.59 7.83
CA ALA B 210 -26.04 29.93 7.21
C ALA B 210 -25.59 28.80 6.27
N PHE B 211 -24.74 29.15 5.30
CA PHE B 211 -24.16 28.16 4.40
C PHE B 211 -23.04 27.39 5.09
N HIS B 212 -22.55 27.95 6.19
CA HIS B 212 -21.46 27.35 6.95
C HIS B 212 -21.39 27.98 8.34
N GLY B 213 -20.72 27.31 9.26
CA GLY B 213 -20.53 27.83 10.61
C GLY B 213 -21.67 27.45 11.53
N LYS B 214 -21.44 27.60 12.84
CA LYS B 214 -22.42 27.23 13.84
C LYS B 214 -23.15 28.46 14.41
N GLY B 215 -22.78 29.64 13.93
CA GLY B 215 -23.40 30.88 14.36
C GLY B 215 -22.62 31.60 15.45
N GLY B 216 -22.97 32.86 15.69
CA GLY B 216 -22.41 33.62 16.80
C GLY B 216 -21.17 34.43 16.46
N HIS B 217 -20.91 34.60 15.17
CA HIS B 217 -19.70 35.30 14.72
C HIS B 217 -20.04 36.69 14.17
N LYS B 218 -19.04 37.57 14.15
CA LYS B 218 -19.17 38.90 13.56
C LYS B 218 -19.21 38.81 12.04
N GLY B 219 -20.36 39.13 11.46
CA GLY B 219 -20.55 38.98 10.02
C GLY B 219 -21.16 40.20 9.37
N TYR B 220 -21.43 40.10 8.08
CA TYR B 220 -21.98 41.21 7.30
C TYR B 220 -23.49 41.32 7.46
N ASP B 221 -23.97 42.55 7.50
CA ASP B 221 -25.39 42.82 7.66
C ASP B 221 -26.15 42.50 6.38
N TYR B 222 -26.63 41.27 6.27
CA TYR B 222 -27.30 40.81 5.06
C TYR B 222 -28.72 41.36 4.95
N LYS B 223 -29.28 41.79 6.07
CA LYS B 223 -30.69 42.17 6.13
C LYS B 223 -30.90 43.67 6.02
N GLY B 224 -30.11 44.45 6.75
CA GLY B 224 -30.23 45.90 6.72
C GLY B 224 -31.26 46.41 7.71
N GLN B 225 -31.16 47.70 8.03
CA GLN B 225 -32.00 48.31 9.06
C GLN B 225 -33.36 48.75 8.53
N THR B 226 -33.66 48.43 7.28
CA THR B 226 -34.93 48.85 6.66
C THR B 226 -35.92 47.70 6.58
N SER B 227 -37.03 47.95 5.91
CA SER B 227 -38.08 46.94 5.72
C SER B 227 -37.69 45.96 4.63
N HIS B 228 -36.93 46.44 3.66
CA HIS B 228 -36.50 45.63 2.52
C HIS B 228 -35.26 44.84 2.89
N VAL B 229 -35.35 43.52 2.79
CA VAL B 229 -34.24 42.65 3.18
C VAL B 229 -33.09 42.77 2.19
N GLY B 230 -31.97 43.32 2.64
CA GLY B 230 -30.78 43.45 1.81
C GLY B 230 -30.43 44.88 1.46
N CYS B 231 -31.35 45.80 1.69
CA CYS B 231 -31.16 47.19 1.29
C CYS B 231 -30.48 48.01 2.38
N PRO B 232 -29.70 49.03 1.99
CA PRO B 232 -29.07 49.92 2.97
C PRO B 232 -30.12 50.77 3.70
N PRO B 233 -29.73 51.40 4.83
CA PRO B 233 -28.41 51.38 5.46
C PRO B 233 -28.06 50.05 6.12
N TYR B 234 -26.84 49.92 6.60
CA TYR B 234 -26.37 48.70 7.25
C TYR B 234 -25.74 49.00 8.59
N ASN B 235 -25.85 48.05 9.52
CA ASN B 235 -25.20 48.15 10.82
C ASN B 235 -24.36 46.91 11.13
N PRO B 236 -23.18 46.81 10.52
CA PRO B 236 -22.25 45.72 10.88
C PRO B 236 -21.49 46.05 12.16
N PRO B 237 -21.03 45.03 12.89
CA PRO B 237 -21.19 43.60 12.61
C PRO B 237 -22.57 43.05 12.95
N HIS B 238 -23.02 42.09 12.15
CA HIS B 238 -24.23 41.32 12.42
C HIS B 238 -23.87 39.93 12.93
N VAL B 239 -24.53 39.49 13.99
CA VAL B 239 -24.21 38.21 14.60
C VAL B 239 -24.79 37.07 13.76
N THR B 240 -23.93 36.20 13.26
CA THR B 240 -24.37 35.13 12.36
C THR B 240 -25.16 34.05 13.09
N LYS B 241 -25.93 33.29 12.32
CA LYS B 241 -26.58 32.08 12.79
C LYS B 241 -25.85 30.87 12.23
N GLY B 242 -26.32 29.68 12.58
CA GLY B 242 -25.66 28.44 12.19
C GLY B 242 -26.37 27.71 11.06
N MET B 243 -25.71 26.70 10.53
CA MET B 243 -26.30 25.88 9.47
C MET B 243 -27.59 25.24 9.94
N LYS B 244 -28.52 25.03 9.02
CA LYS B 244 -29.75 24.34 9.34
C LYS B 244 -29.45 22.89 9.74
N ASP B 245 -28.62 22.22 8.94
CA ASP B 245 -28.25 20.83 9.20
C ASP B 245 -26.76 20.59 8.98
N SER B 246 -26.03 20.41 10.09
CA SER B 246 -24.59 20.19 10.05
C SER B 246 -24.20 18.78 10.51
N SER B 247 -25.19 17.90 10.64
CA SER B 247 -24.99 16.61 11.29
C SER B 247 -24.10 15.66 10.49
N TRP B 248 -24.11 15.79 9.16
CA TRP B 248 -23.29 14.92 8.32
C TRP B 248 -21.82 15.35 8.31
N ILE B 249 -21.55 16.57 8.78
CA ILE B 249 -20.18 17.06 8.80
C ILE B 249 -19.49 16.54 10.07
N THR B 250 -18.98 15.32 9.95
CA THR B 250 -18.51 14.57 11.10
C THR B 250 -16.98 14.59 11.25
N GLY B 251 -16.30 15.06 10.22
CA GLY B 251 -14.85 15.13 10.25
C GLY B 251 -14.27 16.12 9.27
N PRO B 252 -12.94 16.27 9.28
CA PRO B 252 -12.26 17.23 8.39
C PRO B 252 -12.55 17.00 6.91
N PHE B 253 -12.56 15.76 6.43
CA PHE B 253 -12.84 15.55 5.02
C PHE B 253 -14.26 16.01 4.68
N GLU B 254 -15.22 15.68 5.55
CA GLU B 254 -16.59 16.11 5.33
C GLU B 254 -16.67 17.64 5.28
N CYS B 255 -15.83 18.30 6.06
CA CYS B 255 -15.77 19.75 6.05
C CYS B 255 -15.33 20.26 4.68
N SER B 256 -14.37 19.58 4.07
CA SER B 256 -13.87 19.97 2.75
C SER B 256 -14.97 19.83 1.68
N ILE B 257 -15.86 18.86 1.87
CA ILE B 257 -16.97 18.67 0.95
C ILE B 257 -17.89 19.88 0.93
N LEU B 258 -18.15 20.46 2.10
CA LEU B 258 -18.96 21.67 2.19
C LEU B 258 -18.37 22.76 1.30
N SER B 259 -17.04 22.92 1.37
CA SER B 259 -16.33 23.88 0.53
C SER B 259 -16.47 23.55 -0.95
N ARG B 260 -16.17 22.30 -1.30
CA ARG B 260 -16.21 21.85 -2.70
C ARG B 260 -17.53 22.17 -3.35
N CYS B 261 -18.62 21.99 -2.59
CA CYS B 261 -19.96 21.99 -3.14
C CYS B 261 -20.64 23.36 -3.17
N THR B 262 -20.04 24.35 -2.50
CA THR B 262 -20.68 25.66 -2.32
C THR B 262 -20.00 26.80 -3.09
N THR B 263 -19.04 26.45 -3.95
CA THR B 263 -18.33 27.46 -4.76
C THR B 263 -19.28 28.40 -5.49
N HIS B 264 -20.32 27.84 -6.09
CA HIS B 264 -21.23 28.61 -6.93
C HIS B 264 -22.36 29.26 -6.15
N CYS B 265 -22.28 29.21 -4.82
CA CYS B 265 -23.25 29.90 -3.98
C CYS B 265 -22.88 31.37 -3.82
N TRP B 266 -21.69 31.72 -4.26
CA TRP B 266 -21.16 33.06 -4.05
C TRP B 266 -21.28 33.92 -5.32
N PRO B 267 -21.46 35.23 -5.15
CA PRO B 267 -21.58 36.11 -6.31
C PRO B 267 -20.23 36.40 -6.96
N TYR B 268 -20.25 36.67 -8.26
CA TYR B 268 -19.07 37.13 -8.95
C TYR B 268 -19.44 38.15 -10.01
N LYS B 269 -18.61 39.17 -10.12
CA LYS B 269 -18.67 40.14 -11.20
C LYS B 269 -17.24 40.35 -11.67
N SER B 270 -17.04 40.34 -12.99
CA SER B 270 -15.71 40.49 -13.56
C SER B 270 -14.99 41.68 -12.96
N GLY B 271 -13.76 41.45 -12.48
CA GLY B 271 -12.97 42.49 -11.87
C GLY B 271 -12.96 42.43 -10.35
N GLY B 272 -13.88 41.66 -9.79
CA GLY B 272 -13.99 41.50 -8.35
C GLY B 272 -13.43 40.16 -7.88
N ASN B 273 -13.50 39.93 -6.58
CA ASN B 273 -12.98 38.69 -6.01
C ASN B 273 -13.78 37.48 -6.46
N CYS B 274 -13.07 36.43 -6.85
CA CYS B 274 -13.67 35.19 -7.28
C CYS B 274 -13.41 34.11 -6.23
N PHE B 275 -14.48 33.56 -5.66
CA PHE B 275 -14.37 32.57 -4.58
C PHE B 275 -14.58 31.15 -5.08
N ARG B 276 -13.53 30.34 -4.98
CA ARG B 276 -13.59 28.93 -5.37
C ARG B 276 -12.61 28.11 -4.54
N SER B 277 -12.97 26.86 -4.28
CA SER B 277 -12.11 25.91 -3.57
C SER B 277 -11.59 26.49 -2.26
N LEU B 278 -12.49 27.06 -1.48
CA LEU B 278 -12.10 27.74 -0.25
C LEU B 278 -11.57 26.77 0.80
N PRO B 279 -10.48 27.16 1.49
CA PRO B 279 -10.05 26.36 2.63
C PRO B 279 -11.03 26.57 3.77
N ALA B 280 -10.92 25.75 4.83
CA ALA B 280 -11.88 25.83 5.93
C ALA B 280 -11.24 25.45 7.25
N MET B 281 -11.85 25.94 8.33
CA MET B 281 -11.46 25.54 9.68
C MET B 281 -12.50 24.58 10.22
N PHE B 282 -12.04 23.42 10.68
CA PHE B 282 -12.91 22.45 11.33
C PHE B 282 -12.56 22.34 12.81
N ASP B 283 -13.59 22.41 13.66
CA ASP B 283 -13.42 22.30 15.09
C ASP B 283 -13.83 20.90 15.55
N MET B 284 -12.86 20.10 15.96
CA MET B 284 -13.09 18.73 16.38
C MET B 284 -14.03 18.66 17.59
N SER B 285 -14.03 19.71 18.41
CA SER B 285 -14.76 19.69 19.68
C SER B 285 -16.23 20.02 19.53
N THR B 286 -16.59 20.71 18.45
CA THR B 286 -17.97 21.17 18.25
C THR B 286 -18.56 20.67 16.95
N GLY B 287 -17.69 20.24 16.03
CA GLY B 287 -18.13 19.83 14.72
C GLY B 287 -18.42 21.00 13.80
N GLU B 288 -18.06 22.22 14.23
CA GLU B 288 -18.27 23.38 13.37
C GLU B 288 -17.31 23.34 12.19
N CYS B 289 -17.85 23.56 11.00
CA CYS B 289 -17.07 23.73 9.79
C CYS B 289 -17.22 25.15 9.28
N ARG B 290 -16.14 25.94 9.37
CA ARG B 290 -16.17 27.34 8.96
C ARG B 290 -15.30 27.56 7.73
N LEU B 291 -15.93 28.00 6.64
CA LEU B 291 -15.22 28.32 5.41
C LEU B 291 -14.42 29.61 5.59
N LEU B 292 -13.21 29.63 5.03
CA LEU B 292 -12.38 30.83 5.00
C LEU B 292 -12.50 31.49 3.63
N GLY B 293 -12.54 32.82 3.63
CA GLY B 293 -12.72 33.57 2.39
C GLY B 293 -11.44 33.77 1.60
N TYR B 294 -10.30 33.59 2.27
CA TYR B 294 -9.00 33.82 1.66
C TYR B 294 -8.15 32.54 1.59
N HIS B 295 -7.34 32.46 0.54
CA HIS B 295 -6.42 31.33 0.35
C HIS B 295 -5.08 31.58 1.03
N THR B 296 -4.74 32.86 1.20
CA THR B 296 -3.48 33.25 1.84
C THR B 296 -3.33 32.60 3.20
N GLN B 297 -2.13 32.10 3.49
CA GLN B 297 -1.83 31.50 4.78
C GLN B 297 -0.73 32.26 5.53
N ASP B 298 0.04 33.05 4.80
CA ASP B 298 1.11 33.84 5.41
C ASP B 298 1.33 35.12 4.62
N PHE B 299 1.45 36.24 5.35
CA PHE B 299 1.74 37.53 4.75
C PHE B 299 2.55 38.33 5.76
N ARG B 300 3.76 38.71 5.38
CA ARG B 300 4.69 39.36 6.30
C ARG B 300 5.55 40.42 5.60
N SER B 301 5.05 40.93 4.47
CA SER B 301 5.80 41.91 3.69
C SER B 301 5.75 43.28 4.33
N SER B 302 6.50 44.23 3.73
CA SER B 302 6.57 45.59 4.24
C SER B 302 5.24 46.33 4.13
N THR B 303 4.32 45.79 3.33
CA THR B 303 3.04 46.44 3.07
C THR B 303 1.89 45.84 3.86
N CYS B 304 2.14 44.73 4.56
CA CYS B 304 1.07 44.06 5.30
C CYS B 304 0.60 44.95 6.46
N ALA B 305 -0.72 45.00 6.65
CA ALA B 305 -1.31 45.78 7.74
C ALA B 305 -1.15 45.06 9.07
N GLU B 306 -0.73 45.80 10.09
CA GLU B 306 -0.48 45.23 11.41
C GLU B 306 -1.71 45.37 12.32
N LEU B 307 -2.44 44.27 12.46
CA LEU B 307 -3.54 44.12 13.42
C LEU B 307 -4.80 44.95 13.12
N THR B 308 -4.64 46.24 12.80
CA THR B 308 -5.78 47.05 12.40
C THR B 308 -5.43 48.05 11.30
N THR B 309 -6.35 48.23 10.37
CA THR B 309 -6.24 49.25 9.34
C THR B 309 -7.63 49.55 8.80
N ASP B 310 -7.79 50.72 8.21
CA ASP B 310 -9.04 51.11 7.58
C ASP B 310 -8.91 51.06 6.07
N ASP B 311 -7.68 50.88 5.60
CA ASP B 311 -7.39 50.77 4.18
C ASP B 311 -8.02 49.51 3.60
N THR B 312 -9.14 49.69 2.90
CA THR B 312 -9.91 48.57 2.37
C THR B 312 -9.15 47.76 1.30
N ASN B 313 -8.01 48.27 0.85
CA ASN B 313 -7.24 47.63 -0.20
C ASN B 313 -5.99 46.93 0.35
N ALA B 314 -5.76 47.08 1.66
CA ALA B 314 -4.61 46.46 2.29
C ALA B 314 -4.95 45.04 2.73
N PHE B 315 -3.91 44.25 3.02
CA PHE B 315 -4.09 42.90 3.54
C PHE B 315 -3.30 42.75 4.83
N TYR B 316 -3.93 42.10 5.81
CA TYR B 316 -3.35 42.01 7.14
C TYR B 316 -2.15 41.09 7.20
N CYS B 317 -1.27 41.36 8.15
CA CYS B 317 -0.16 40.47 8.44
C CYS B 317 -0.70 39.22 9.13
N VAL B 318 -0.42 38.06 8.53
CA VAL B 318 -0.87 36.80 9.09
C VAL B 318 0.22 35.76 8.98
N ARG B 319 0.16 34.76 9.86
CA ARG B 319 1.03 33.60 9.74
C ARG B 319 0.38 32.40 10.41
N PRO B 320 0.64 31.20 9.88
CA PRO B 320 0.06 30.00 10.49
C PRO B 320 0.74 29.67 11.81
N MET B 321 -0.04 29.37 12.84
CA MET B 321 0.49 29.02 14.15
C MET B 321 -0.20 27.79 14.70
N LYS B 322 0.55 27.00 15.47
CA LYS B 322 -0.01 25.90 16.25
C LYS B 322 0.33 26.10 17.72
N THR B 323 -0.65 25.88 18.60
CA THR B 323 -0.42 25.85 20.03
C THR B 323 -1.16 24.66 20.63
N ALA B 324 -0.80 24.30 21.86
CA ALA B 324 -1.48 23.21 22.54
C ALA B 324 -2.98 23.47 22.57
N ALA B 325 -3.36 24.72 22.76
CA ALA B 325 -4.76 25.09 22.89
C ALA B 325 -5.49 25.05 21.54
N SER B 326 -4.75 25.07 20.44
CA SER B 326 -5.37 25.05 19.12
C SER B 326 -5.49 23.63 18.57
N SER B 327 -5.24 22.64 19.41
CA SER B 327 -5.19 21.25 18.97
C SER B 327 -6.54 20.68 18.57
N ASN B 328 -7.61 21.40 18.85
CA ASN B 328 -8.95 20.98 18.44
CA ASN B 328 -8.95 20.97 18.44
C ASN B 328 -9.31 21.48 17.04
N MET B 329 -8.49 22.37 16.50
CA MET B 329 -8.74 22.98 15.20
C MET B 329 -8.02 22.24 14.06
N VAL B 330 -8.62 22.28 12.88
CA VAL B 330 -8.02 21.67 11.70
C VAL B 330 -8.11 22.60 10.51
N TYR B 331 -6.97 22.86 9.88
CA TYR B 331 -6.93 23.61 8.63
C TYR B 331 -7.10 22.62 7.48
N VAL B 332 -8.20 22.79 6.75
CA VAL B 332 -8.64 21.84 5.74
C VAL B 332 -8.75 22.52 4.38
N THR B 333 -8.07 21.98 3.37
CA THR B 333 -8.19 22.51 2.02
C THR B 333 -9.41 21.89 1.35
N SER B 334 -9.89 22.56 0.31
CA SER B 334 -11.06 22.09 -0.43
C SER B 334 -10.79 20.73 -1.08
N HIS B 335 -9.52 20.46 -1.37
CA HIS B 335 -9.13 19.21 -2.01
C HIS B 335 -8.43 18.26 -1.03
N THR B 336 -9.12 17.96 0.07
CA THR B 336 -8.66 16.97 1.04
C THR B 336 -8.89 15.57 0.49
N ARG B 337 -7.94 14.66 0.72
CA ARG B 337 -8.07 13.32 0.15
C ARG B 337 -8.98 12.46 1.04
N PRO B 338 -9.90 11.69 0.41
CA PRO B 338 -10.90 10.92 1.15
C PRO B 338 -10.34 9.68 1.85
N ASP B 339 -9.04 9.40 1.66
CA ASP B 339 -8.37 8.29 2.33
C ASP B 339 -7.35 8.82 3.35
N HIS B 340 -7.58 10.03 3.85
CA HIS B 340 -6.57 10.70 4.65
C HIS B 340 -6.25 9.96 5.95
N GLU B 341 -7.19 9.15 6.44
CA GLU B 341 -6.95 8.40 7.68
C GLU B 341 -5.80 7.41 7.55
N THR B 342 -5.66 6.80 6.38
CA THR B 342 -4.59 5.83 6.14
C THR B 342 -3.44 6.40 5.32
N LYS B 343 -3.57 7.65 4.89
CA LYS B 343 -2.55 8.29 4.06
C LYS B 343 -1.92 9.52 4.72
N CYS B 344 -2.51 9.98 5.83
CA CYS B 344 -2.02 11.17 6.51
C CYS B 344 -1.88 10.94 8.01
N PRO B 345 -1.02 11.74 8.67
CA PRO B 345 -0.86 11.60 10.12
C PRO B 345 -2.13 11.98 10.88
N PRO B 346 -2.38 11.34 12.02
CA PRO B 346 -3.54 11.70 12.84
C PRO B 346 -3.33 13.03 13.54
N ARG B 347 -4.36 13.50 14.23
CA ARG B 347 -4.29 14.71 15.03
C ARG B 347 -3.25 14.63 16.13
N GLU B 348 -3.18 13.48 16.78
CA GLU B 348 -2.42 13.34 18.03
C GLU B 348 -0.96 12.97 17.78
N PRO B 349 -0.05 13.51 18.62
CA PRO B 349 1.32 13.01 18.60
C PRO B 349 1.39 11.55 19.06
N LEU B 350 2.47 10.86 18.70
CA LEU B 350 2.66 9.48 19.12
C LEU B 350 3.51 9.43 20.38
N LYS B 351 2.94 8.90 21.46
CA LYS B 351 3.67 8.83 22.73
C LYS B 351 4.52 7.57 22.84
N ASN B 352 5.64 7.71 23.54
CA ASN B 352 6.49 6.58 23.89
C ASN B 352 7.08 5.86 22.68
N VAL B 353 7.34 6.59 21.61
CA VAL B 353 7.99 6.02 20.45
C VAL B 353 8.97 7.01 19.82
N ARG B 354 9.92 6.47 19.04
CA ARG B 354 10.91 7.26 18.35
C ARG B 354 10.85 6.94 16.86
N TRP B 355 10.94 7.96 16.01
CA TRP B 355 10.96 7.72 14.57
C TRP B 355 12.20 6.91 14.22
N GLY B 356 12.06 5.96 13.31
CA GLY B 356 13.19 5.17 12.86
C GLY B 356 12.97 4.58 11.48
N VAL B 357 14.02 3.96 10.95
CA VAL B 357 13.95 3.21 9.69
C VAL B 357 14.37 1.77 9.95
N VAL B 358 13.98 0.87 9.05
CA VAL B 358 14.21 -0.55 9.27
C VAL B 358 15.69 -0.91 9.13
N SER B 359 16.15 -1.76 10.05
CA SER B 359 17.51 -2.28 10.00
C SER B 359 17.45 -3.80 10.08
N LYS B 360 18.22 -4.46 9.22
CA LYS B 360 18.26 -5.92 9.18
C LYS B 360 16.86 -6.53 9.03
N GLY B 361 15.97 -5.80 8.36
CA GLY B 361 14.68 -6.33 7.95
C GLY B 361 13.61 -6.42 9.01
N LYS B 362 14.02 -6.54 10.28
CA LYS B 362 13.07 -6.80 11.37
C LYS B 362 13.35 -5.97 12.62
N TYR B 363 14.38 -5.12 12.54
CA TYR B 363 14.69 -4.20 13.62
C TYR B 363 14.61 -2.76 13.14
N CYS B 364 14.67 -1.82 14.09
CA CYS B 364 14.55 -0.40 13.77
C CYS B 364 15.76 0.34 14.32
N LYS B 365 16.15 1.42 13.65
CA LYS B 365 17.23 2.27 14.12
C LYS B 365 16.81 3.73 13.94
N PRO B 366 17.26 4.60 14.85
CA PRO B 366 16.86 6.00 14.75
C PRO B 366 17.38 6.65 13.48
N MET B 367 16.62 7.61 12.96
CA MET B 367 17.00 8.29 11.74
C MET B 367 18.07 9.33 12.06
N ASN B 368 18.72 9.87 11.04
CA ASN B 368 19.77 10.86 11.21
C ASN B 368 19.20 12.27 11.39
N ALA B 369 19.40 12.84 12.59
CA ALA B 369 18.86 14.16 12.89
C ALA B 369 19.61 15.25 12.13
N ARG B 370 18.85 16.06 11.38
CA ARG B 370 19.45 17.13 10.60
C ARG B 370 19.68 18.35 11.47
N ALA B 371 18.90 18.46 12.53
CA ALA B 371 19.00 19.57 13.46
C ALA B 371 18.42 19.15 14.80
N SER B 372 18.69 19.94 15.84
CA SER B 372 18.15 19.63 17.16
C SER B 372 18.03 20.87 18.03
N LEU B 373 17.09 20.83 18.96
CA LEU B 373 16.82 21.95 19.86
C LEU B 373 16.86 21.45 21.31
N SER B 374 17.67 22.10 22.14
CA SER B 374 17.88 21.66 23.52
C SER B 374 17.06 22.46 24.51
N ASN B 375 16.73 21.82 25.63
CA ASN B 375 15.96 22.45 26.70
C ASN B 375 14.64 23.02 26.21
N ALA B 376 13.91 22.24 25.43
CA ALA B 376 12.62 22.64 24.91
C ALA B 376 11.53 21.77 25.50
N THR B 377 10.29 22.27 25.48
CA THR B 377 9.14 21.46 25.87
C THR B 377 8.64 20.68 24.65
N ALA B 378 7.72 19.75 24.87
CA ALA B 378 7.19 18.95 23.78
C ALA B 378 6.40 19.83 22.82
N GLU B 379 5.59 20.74 23.36
CA GLU B 379 4.86 21.70 22.55
C GLU B 379 5.80 22.47 21.64
N GLN B 380 6.88 23.01 22.21
CA GLN B 380 7.88 23.74 21.45
C GLN B 380 8.43 22.92 20.30
N CYS B 381 8.67 21.65 20.56
CA CYS B 381 9.21 20.73 19.56
C CYS B 381 8.28 20.61 18.36
N GLY B 382 6.99 20.43 18.63
CA GLY B 382 5.99 20.34 17.59
C GLY B 382 5.85 21.65 16.83
N GLN B 383 5.82 22.76 17.57
CA GLN B 383 5.71 24.08 16.96
C GLN B 383 6.86 24.38 16.00
N ARG B 384 8.06 24.02 16.43
CA ARG B 384 9.25 24.30 15.64
C ARG B 384 9.31 23.38 14.43
N LEU B 385 8.85 22.15 14.58
CA LEU B 385 8.80 21.22 13.47
C LEU B 385 7.89 21.76 12.37
N PHE B 386 6.74 22.27 12.78
CA PHE B 386 5.78 22.86 11.86
C PHE B 386 6.39 24.03 11.10
N MET B 387 7.11 24.89 11.81
CA MET B 387 7.75 26.06 11.21
C MET B 387 8.86 25.72 10.22
N LEU B 388 9.55 24.61 10.47
CA LEU B 388 10.68 24.20 9.65
C LEU B 388 10.28 23.16 8.60
N SER B 389 8.98 22.99 8.38
CA SER B 389 8.51 21.92 7.52
C SER B 389 8.68 22.29 6.04
N SER B 390 7.64 22.83 5.43
CA SER B 390 7.71 23.18 4.02
C SER B 390 6.72 24.29 3.72
N ALA B 391 7.00 25.04 2.67
CA ALA B 391 6.20 26.23 2.35
C ALA B 391 6.28 26.53 0.85
N ASP B 392 5.12 26.84 0.28
CA ASP B 392 5.05 27.24 -1.12
C ASP B 392 5.16 28.75 -1.21
N GLY B 393 5.16 29.29 -2.43
CA GLY B 393 5.47 30.69 -2.64
C GLY B 393 6.96 30.84 -2.82
N SER B 394 7.44 32.07 -2.90
CA SER B 394 8.84 32.32 -3.28
C SER B 394 9.69 32.96 -2.18
N SER B 395 9.11 33.19 -1.01
CA SER B 395 9.79 33.95 0.04
C SER B 395 10.16 33.13 1.28
N LEU B 396 9.33 32.15 1.63
CA LEU B 396 9.48 31.43 2.90
C LEU B 396 10.56 30.33 2.86
N SER B 397 11.25 30.20 1.72
CA SER B 397 12.25 29.16 1.56
C SER B 397 13.37 29.27 2.59
N SER B 398 13.64 30.49 3.05
CA SER B 398 14.70 30.72 4.01
C SER B 398 14.36 30.19 5.40
N GLN B 399 13.07 30.05 5.68
CA GLN B 399 12.60 29.57 6.98
C GLN B 399 12.54 28.05 7.06
N VAL B 400 11.87 27.42 6.08
CA VAL B 400 11.63 25.99 6.12
C VAL B 400 12.87 25.19 5.73
N ARG B 401 12.97 23.98 6.26
CA ARG B 401 14.16 23.15 6.07
C ARG B 401 13.83 21.78 5.47
N GLY B 402 12.54 21.43 5.46
CA GLY B 402 12.10 20.15 4.93
C GLY B 402 11.92 19.09 6.01
N TYR B 403 11.76 19.54 7.25
CA TYR B 403 11.59 18.63 8.38
C TYR B 403 10.12 18.33 8.63
N HIS B 404 9.72 17.08 8.50
CA HIS B 404 8.32 16.71 8.70
C HIS B 404 8.12 15.76 9.89
N TRP B 405 9.23 15.34 10.50
CA TRP B 405 9.18 14.41 11.61
C TRP B 405 10.15 14.87 12.70
N ALA B 406 9.73 14.76 13.96
CA ALA B 406 10.61 15.05 15.08
C ALA B 406 10.37 14.10 16.25
N THR B 407 11.47 13.68 16.88
CA THR B 407 11.41 12.92 18.12
C THR B 407 11.82 13.82 19.28
N PHE B 408 10.96 13.90 20.29
CA PHE B 408 11.24 14.67 21.50
C PHE B 408 11.67 13.71 22.61
N VAL B 409 12.91 13.87 23.09
CA VAL B 409 13.42 13.02 24.15
C VAL B 409 13.42 13.76 25.48
N ALA B 410 12.56 13.33 26.40
CA ALA B 410 12.46 13.93 27.72
C ALA B 410 13.71 13.65 28.56
N THR B 411 14.07 14.60 29.42
CA THR B 411 15.25 14.46 30.26
C THR B 411 15.01 13.50 31.43
N ASP B 412 13.83 13.58 32.04
CA ASP B 412 13.57 12.86 33.28
C ASP B 412 12.12 12.36 33.41
N CYS B 413 11.42 12.26 32.29
CA CYS B 413 9.98 12.02 32.34
C CYS B 413 9.46 10.99 31.34
N ASN B 414 8.51 10.18 31.79
CA ASN B 414 7.76 9.28 30.92
C ASN B 414 6.67 10.07 30.22
N MET B 415 6.78 10.19 28.90
CA MET B 415 5.93 11.11 28.14
C MET B 415 4.48 10.68 28.03
N GLY B 416 4.12 9.59 28.71
CA GLY B 416 2.75 9.10 28.70
C GLY B 416 1.95 9.54 29.92
N GLU B 417 2.58 10.29 30.81
CA GLU B 417 1.94 10.66 32.08
C GLU B 417 1.84 12.17 32.27
N SER B 418 1.44 12.56 33.49
CA SER B 418 1.11 13.95 33.80
C SER B 418 2.25 14.93 33.58
N CYS B 419 3.48 14.48 33.79
CA CYS B 419 4.64 15.36 33.73
C CYS B 419 4.95 15.88 32.32
N ALA B 420 4.44 15.17 31.31
CA ALA B 420 4.85 15.41 29.94
C ALA B 420 4.47 16.81 29.41
N ALA B 421 3.38 17.36 29.92
CA ALA B 421 2.92 18.68 29.50
C ALA B 421 3.92 19.77 29.89
N THR B 422 4.79 19.46 30.86
CA THR B 422 5.77 20.43 31.36
C THR B 422 7.20 19.93 31.21
N ALA B 423 7.37 18.70 30.74
CA ALA B 423 8.69 18.09 30.65
C ALA B 423 9.56 18.78 29.60
N ARG B 424 10.83 18.98 29.95
CA ARG B 424 11.80 19.52 29.01
C ARG B 424 12.74 18.44 28.51
N GLY B 425 13.42 18.72 27.40
CA GLY B 425 14.35 17.76 26.84
C GLY B 425 14.92 18.23 25.51
N LYS B 426 15.44 17.27 24.74
CA LYS B 426 16.03 17.57 23.45
C LYS B 426 15.07 17.16 22.33
N CYS B 427 15.00 18.00 21.30
CA CYS B 427 14.16 17.74 20.14
C CYS B 427 15.03 17.48 18.93
N PHE B 428 14.83 16.35 18.26
CA PHE B 428 15.59 15.98 17.07
C PHE B 428 14.70 16.07 15.82
N PHE B 429 15.18 16.80 14.81
CA PHE B 429 14.41 17.02 13.59
C PHE B 429 14.93 16.20 12.41
N TYR B 430 14.00 15.62 11.66
CA TYR B 430 14.34 14.68 10.59
C TYR B 430 13.79 15.11 9.24
N SER B 431 14.45 14.67 8.18
CA SER B 431 13.99 14.91 6.81
C SER B 431 13.79 13.59 6.05
N THR B 432 14.04 12.47 6.71
CA THR B 432 13.92 11.16 6.08
C THR B 432 12.57 10.51 6.41
N VAL B 433 11.97 9.87 5.42
CA VAL B 433 10.70 9.18 5.61
C VAL B 433 10.88 7.99 6.54
N PRO B 434 10.13 7.95 7.66
CA PRO B 434 10.26 6.85 8.62
C PRO B 434 9.58 5.56 8.18
N GLU B 435 10.14 4.43 8.60
CA GLU B 435 9.65 3.12 8.18
C GLU B 435 9.17 2.29 9.38
N CYS B 436 9.51 2.74 10.57
CA CYS B 436 9.15 2.01 11.78
C CYS B 436 9.29 2.88 13.01
N LEU B 437 8.99 2.31 14.18
CA LEU B 437 9.07 3.04 15.43
C LEU B 437 9.78 2.22 16.51
N ILE B 438 10.55 2.92 17.34
CA ILE B 438 11.24 2.31 18.48
C ILE B 438 10.55 2.72 19.77
N HIS B 439 10.16 1.75 20.58
CA HIS B 439 9.53 2.05 21.86
C HIS B 439 10.56 2.62 22.83
N SER B 440 10.17 3.67 23.53
CA SER B 440 10.98 4.26 24.59
C SER B 440 10.06 4.96 25.57
N PRO B 441 10.31 4.79 26.87
CA PRO B 441 9.40 5.38 27.86
C PRO B 441 9.40 6.91 27.85
N THR B 442 10.53 7.50 27.47
CA THR B 442 10.75 8.93 27.68
C THR B 442 10.65 9.80 26.42
N THR B 443 10.07 9.27 25.35
CA THR B 443 10.04 9.99 24.07
C THR B 443 8.64 10.25 23.54
N MET B 444 8.57 11.09 22.51
CA MET B 444 7.31 11.40 21.82
C MET B 444 7.59 11.85 20.39
N ALA B 445 6.77 11.38 19.46
CA ALA B 445 6.98 11.61 18.03
C ALA B 445 5.92 12.55 17.44
N PHE B 446 6.39 13.57 16.74
CA PHE B 446 5.54 14.56 16.09
C PHE B 446 5.69 14.51 14.57
N THR B 447 4.66 14.93 13.84
CA THR B 447 4.82 15.26 12.43
C THR B 447 4.47 16.73 12.22
N SER B 448 4.79 17.25 11.05
CA SER B 448 4.53 18.64 10.73
C SER B 448 3.02 18.90 10.56
N LEU B 449 2.24 17.84 10.43
CA LEU B 449 0.79 17.95 10.31
C LEU B 449 0.08 17.65 11.62
N SER B 450 0.84 17.27 12.66
CA SER B 450 0.26 16.92 13.95
C SER B 450 -0.10 18.14 14.76
N ALA B 451 -1.09 17.98 15.64
CA ALA B 451 -1.34 18.96 16.71
C ALA B 451 -0.17 18.86 17.68
N VAL B 452 0.08 19.92 18.45
CA VAL B 452 1.30 20.00 19.24
C VAL B 452 1.07 19.89 20.75
N ASP B 453 -0.14 19.52 21.15
CA ASP B 453 -0.44 19.31 22.58
C ASP B 453 0.01 17.92 23.00
N PRO B 454 1.08 17.82 23.80
CA PRO B 454 1.56 16.48 24.15
C PRO B 454 0.58 15.68 25.03
N SER B 455 -0.41 16.35 25.60
CA SER B 455 -1.35 15.71 26.51
C SER B 455 -2.34 14.79 25.79
N ILE B 456 -2.55 15.00 24.50
CA ILE B 456 -3.51 14.21 23.74
C ILE B 456 -2.83 13.06 23.01
N ALA B 457 -1.55 12.85 23.31
CA ALA B 457 -0.75 11.85 22.60
C ALA B 457 -1.34 10.45 22.72
N ILE B 458 -1.25 9.68 21.65
CA ILE B 458 -1.79 8.34 21.60
C ILE B 458 -0.73 7.35 21.18
N ASP B 459 -0.95 6.08 21.47
CA ASP B 459 -0.07 5.02 20.99
C ASP B 459 -0.27 4.82 19.49
N PRO B 460 0.81 4.46 18.78
CA PRO B 460 0.65 4.02 17.38
C PRO B 460 0.23 2.56 17.34
N ASP B 461 -0.05 2.03 16.15
CA ASP B 461 -0.32 0.62 16.01
C ASP B 461 0.97 -0.15 16.25
N SER B 462 0.91 -1.16 17.11
CA SER B 462 2.09 -1.91 17.51
C SER B 462 2.74 -2.65 16.33
N ILE B 463 2.03 -2.71 15.21
CA ILE B 463 2.59 -3.29 14.00
C ILE B 463 3.85 -2.55 13.56
N ALA B 464 3.91 -1.26 13.87
CA ALA B 464 5.02 -0.41 13.46
C ALA B 464 6.17 -0.46 14.44
N VAL B 465 5.90 -0.91 15.66
CA VAL B 465 6.90 -0.90 16.71
C VAL B 465 7.82 -2.11 16.63
N LEU B 466 9.09 -1.85 16.32
CA LEU B 466 10.10 -2.89 16.23
C LEU B 466 11.16 -2.67 17.32
N PRO B 467 11.86 -3.74 17.71
CA PRO B 467 12.95 -3.57 18.67
C PRO B 467 14.15 -2.89 18.01
N GLU B 468 14.91 -2.14 18.79
CA GLU B 468 16.03 -1.39 18.24
C GLU B 468 17.17 -2.32 17.82
N ASP B 469 17.85 -1.95 16.73
CA ASP B 469 19.06 -2.64 16.31
C ASP B 469 20.26 -1.93 16.93
N LYS B 470 20.84 -2.56 17.95
CA LYS B 470 21.96 -1.97 18.67
C LYS B 470 23.30 -2.46 18.13
N CYS B 471 23.28 -3.12 16.97
CA CYS B 471 24.48 -3.60 16.31
C CYS B 471 24.65 -2.95 14.94
N VAL B 472 24.36 -1.66 14.87
CA VAL B 472 24.42 -0.92 13.61
C VAL B 472 25.79 -1.05 12.94
N SER B 473 26.82 -0.59 13.64
CA SER B 473 28.18 -0.60 13.10
C SER B 473 29.15 -1.35 14.01
N VAL B 474 28.62 -2.29 14.78
CA VAL B 474 29.45 -3.17 15.61
C VAL B 474 29.93 -4.35 14.80
N ASP B 475 31.24 -4.58 14.80
CA ASP B 475 31.84 -5.72 14.11
C ASP B 475 32.55 -6.64 15.09
N CYS B 476 31.93 -7.79 15.37
CA CYS B 476 32.42 -8.70 16.39
C CYS B 476 33.44 -9.70 15.84
N GLY B 477 33.66 -9.67 14.53
CA GLY B 477 34.69 -10.49 13.92
C GLY B 477 34.31 -11.94 13.77
N ALA B 478 35.30 -12.77 13.45
CA ALA B 478 35.08 -14.16 13.11
C ALA B 478 34.56 -15.00 14.27
N HIS B 479 35.04 -14.72 15.48
CA HIS B 479 34.78 -15.58 16.63
C HIS B 479 33.70 -15.02 17.54
N GLY B 480 32.76 -14.26 16.97
CA GLY B 480 31.68 -13.70 17.75
C GLY B 480 30.58 -13.09 16.90
N THR B 481 29.43 -12.86 17.52
CA THR B 481 28.29 -12.25 16.86
C THR B 481 27.67 -11.19 17.76
N CYS B 482 27.38 -10.04 17.18
CA CYS B 482 26.76 -8.95 17.93
C CYS B 482 25.32 -9.29 18.27
N ASP B 483 24.95 -9.11 19.53
CA ASP B 483 23.58 -9.35 19.97
C ASP B 483 22.76 -8.07 19.85
N VAL B 484 21.87 -8.04 18.88
CA VAL B 484 21.04 -6.86 18.61
C VAL B 484 20.26 -6.37 19.83
N ALA B 485 20.13 -7.23 20.83
CA ALA B 485 19.37 -6.90 22.02
C ALA B 485 20.18 -6.03 23.00
N THR B 486 21.50 -6.07 22.89
CA THR B 486 22.36 -5.33 23.83
C THR B 486 23.52 -4.61 23.12
N GLY B 487 23.80 -4.99 21.88
CA GLY B 487 24.86 -4.35 21.13
C GLY B 487 26.24 -4.82 21.54
N LYS B 488 26.29 -5.98 22.19
CA LYS B 488 27.55 -6.57 22.65
C LYS B 488 27.89 -7.79 21.81
N CYS B 489 29.19 -8.06 21.68
CA CYS B 489 29.65 -9.24 20.97
C CYS B 489 29.56 -10.46 21.88
N VAL B 490 28.90 -11.51 21.39
CA VAL B 490 28.85 -12.79 22.08
C VAL B 490 29.88 -13.71 21.44
N CYS B 491 30.91 -14.06 22.19
CA CYS B 491 32.06 -14.77 21.66
C CYS B 491 31.84 -16.28 21.59
N GLU B 492 32.50 -16.91 20.64
CA GLU B 492 32.57 -18.37 20.59
C GLU B 492 33.20 -18.87 21.88
N PRO B 493 32.86 -20.11 22.29
CA PRO B 493 33.56 -20.67 23.46
C PRO B 493 35.06 -20.74 23.22
N GLY B 494 35.85 -20.44 24.25
CA GLY B 494 37.30 -20.38 24.12
C GLY B 494 37.78 -19.02 23.66
N PHE B 495 36.84 -18.11 23.44
CA PHE B 495 37.16 -16.74 23.03
C PHE B 495 36.49 -15.73 23.97
N THR B 496 37.13 -14.59 24.15
CA THR B 496 36.57 -13.52 24.96
C THR B 496 37.08 -12.17 24.47
N GLY B 497 36.75 -11.12 25.21
CA GLY B 497 37.12 -9.76 24.84
C GLY B 497 35.95 -9.04 24.20
N GLU B 498 36.00 -7.72 24.26
CA GLU B 498 34.92 -6.88 23.74
C GLU B 498 34.64 -7.14 22.26
N ARG B 499 35.66 -7.59 21.53
CA ARG B 499 35.52 -7.91 20.11
C ARG B 499 35.79 -9.40 19.83
N CYS B 500 35.80 -10.21 20.89
CA CYS B 500 35.96 -11.66 20.78
C CYS B 500 37.19 -12.04 19.95
N ASP B 501 38.36 -11.58 20.37
CA ASP B 501 39.60 -11.88 19.64
C ASP B 501 40.74 -12.23 20.60
N ALA B 502 40.39 -12.42 21.87
CA ALA B 502 41.35 -12.86 22.88
C ALA B 502 41.03 -14.28 23.34
N ALA B 503 42.03 -15.15 23.33
CA ALA B 503 41.87 -16.50 23.83
C ALA B 503 41.56 -16.48 25.33
N ALA B 504 40.49 -17.17 25.72
CA ALA B 504 40.09 -17.22 27.12
C ALA B 504 40.84 -18.34 27.85
N LEU B 505 41.67 -17.95 28.81
CA LEU B 505 42.46 -18.91 29.57
C LEU B 505 41.74 -19.28 30.87
N VAL B 506 42.06 -20.46 31.40
CA VAL B 506 41.46 -20.92 32.65
C VAL B 506 42.54 -21.17 33.70
N PRO B 507 42.18 -21.05 34.99
CA PRO B 507 43.14 -21.30 36.07
C PRO B 507 43.41 -22.78 36.29
#